data_7Q46
#
_entry.id   7Q46
#
_cell.length_a   107.660
_cell.length_b   107.660
_cell.length_c   241.210
_cell.angle_alpha   90.000
_cell.angle_beta   90.000
_cell.angle_gamma   90.000
#
_symmetry.space_group_name_H-M   'P 43 21 2'
#
loop_
_entity.id
_entity.type
_entity.pdbx_description
1 polymer 'E3 ubiquitin-protein ligase HERC2'
2 polymer 'Pericentriolar material 1 protein'
3 non-polymer 'CITRIC ACID'
4 water water
#
loop_
_entity_poly.entity_id
_entity_poly.type
_entity_poly.pdbx_seq_one_letter_code
_entity_poly.pdbx_strand_id
1 'polypeptide(L)'
;GAMGSLIRKKAAGLESAATIRTKVFVWGLNDKDQLGGLKGSKIKVPSFSETLSALNVVQVAGGSKSLFAVTVEGKVYACG
EATNGRLGLGISSGTVPIPRQITALSSYVVKKVAVHSGGRHATALTVDGKVFSWGEGDDGKLGHFSRMNCDKPRLIEALK
TKRIRDIACGSSHSAALTSSGELYTWGLGEYGRLGHGDNTTQLKPKMVKVLLGHRVIQVACGSRDAQTLALTDEGLVFSW
GDGDFGKLGRGGSEGCNIPQNIERLNGQGVCQIECGAQFSLALTKSGVVWTWGKGDYFRLGHGSDVHVRKPQVVEGLRGK
KIVHVAVGALHCLAVTDSGQVYAWGDNDHGQQGNGTTTVNRKPTLVQGLEGQKITRVACGSSHSVAWTTVDVATPSVHEP
VLFQT
;
A,C,E
2 'polypeptide(L)' DEDKDKDETETVKQT D,F,B
#
loop_
_chem_comp.id
_chem_comp.type
_chem_comp.name
_chem_comp.formula
CIT non-polymer 'CITRIC ACID' 'C6 H8 O7'
#
# COMPACT_ATOMS: atom_id res chain seq x y z
N ARG A 21 16.36 -45.00 -15.35
CA ARG A 21 15.48 -45.06 -14.20
C ARG A 21 15.46 -43.74 -13.43
N THR A 22 14.30 -43.07 -13.43
CA THR A 22 14.13 -41.80 -12.71
C THR A 22 12.84 -41.87 -11.91
N LYS A 23 12.96 -41.80 -10.59
CA LYS A 23 11.79 -41.77 -9.73
C LYS A 23 11.22 -40.37 -9.65
N VAL A 24 9.92 -40.23 -9.88
CA VAL A 24 9.23 -38.94 -9.89
C VAL A 24 8.21 -38.95 -8.75
N PHE A 25 8.23 -37.89 -7.94
CA PHE A 25 7.30 -37.68 -6.85
C PHE A 25 6.51 -36.40 -7.07
N VAL A 26 5.22 -36.43 -6.75
CA VAL A 26 4.35 -35.29 -6.92
C VAL A 26 3.57 -35.04 -5.64
N TRP A 27 3.13 -33.80 -5.46
CA TRP A 27 2.21 -33.43 -4.40
C TRP A 27 1.60 -32.08 -4.72
N GLY A 28 0.61 -31.69 -3.92
CA GLY A 28 -0.12 -30.45 -4.13
C GLY A 28 -1.53 -30.66 -4.68
N LEU A 29 -2.05 -29.62 -5.31
CA LEU A 29 -3.43 -29.66 -5.80
C LEU A 29 -3.61 -30.75 -6.86
N ASN A 30 -4.73 -31.46 -6.77
CA ASN A 30 -5.04 -32.53 -7.70
C ASN A 30 -6.51 -32.49 -8.10
N ASP A 31 -7.11 -31.30 -8.14
CA ASP A 31 -8.52 -31.21 -8.47
C ASP A 31 -8.77 -31.54 -9.93
N LYS A 32 -7.78 -31.31 -10.79
CA LYS A 32 -7.88 -31.60 -12.21
C LYS A 32 -7.01 -32.78 -12.61
N ASP A 33 -6.53 -33.56 -11.65
CA ASP A 33 -5.64 -34.68 -11.92
C ASP A 33 -4.33 -34.21 -12.49
N GLN A 34 -3.92 -32.99 -12.12
CA GLN A 34 -2.66 -32.48 -12.63
C GLN A 34 -1.45 -33.27 -12.09
N LEU A 35 -1.63 -34.26 -11.21
CA LEU A 35 -0.53 -35.09 -10.74
C LEU A 35 -0.47 -36.47 -11.40
N GLY A 36 -1.26 -36.71 -12.46
CA GLY A 36 -1.05 -37.87 -13.30
C GLY A 36 -1.57 -39.21 -12.81
N GLY A 37 -2.43 -39.23 -11.79
CA GLY A 37 -3.06 -40.48 -11.43
C GLY A 37 -3.04 -40.84 -9.96
N LEU A 38 -3.25 -39.85 -9.09
CA LEU A 38 -3.37 -40.11 -7.65
C LEU A 38 -4.78 -39.77 -7.18
N LYS A 39 -5.27 -40.56 -6.23
CA LYS A 39 -6.56 -40.29 -5.61
C LYS A 39 -6.39 -39.22 -4.53
N GLY A 40 -7.42 -38.39 -4.38
CA GLY A 40 -7.36 -37.22 -3.54
C GLY A 40 -7.22 -35.95 -4.35
N SER A 41 -7.49 -34.82 -3.71
CA SER A 41 -7.27 -33.54 -4.36
C SER A 41 -6.25 -32.66 -3.66
N LYS A 42 -5.86 -32.98 -2.43
CA LYS A 42 -4.80 -32.27 -1.72
C LYS A 42 -3.77 -33.30 -1.28
N ILE A 43 -2.81 -33.60 -2.15
CA ILE A 43 -1.72 -34.52 -1.81
C ILE A 43 -0.71 -33.71 -0.99
N LYS A 44 -0.75 -33.86 0.34
CA LYS A 44 0.07 -33.07 1.25
C LYS A 44 1.44 -33.68 1.51
N VAL A 45 1.68 -34.90 1.06
CA VAL A 45 2.99 -35.52 1.17
C VAL A 45 3.48 -35.95 -0.20
N PRO A 46 4.75 -35.72 -0.54
CA PRO A 46 5.26 -36.17 -1.84
C PRO A 46 4.92 -37.63 -2.05
N SER A 47 4.32 -37.94 -3.19
CA SER A 47 3.82 -39.29 -3.49
C SER A 47 4.48 -39.80 -4.77
N PHE A 48 4.93 -41.05 -4.74
CA PHE A 48 5.56 -41.67 -5.89
C PHE A 48 4.60 -41.70 -7.08
N SER A 49 5.07 -41.26 -8.24
CA SER A 49 4.23 -41.25 -9.44
C SER A 49 4.56 -42.48 -10.29
N GLU A 50 3.64 -43.45 -10.28
CA GLU A 50 3.76 -44.63 -11.11
C GLU A 50 3.93 -44.25 -12.58
N THR A 51 2.97 -43.50 -13.12
CA THR A 51 2.99 -43.18 -14.54
C THR A 51 4.24 -42.39 -14.92
N LEU A 52 4.55 -41.33 -14.16
CA LEU A 52 5.68 -40.46 -14.52
C LEU A 52 7.02 -41.16 -14.31
N SER A 53 7.15 -41.94 -13.24
CA SER A 53 8.38 -42.68 -13.02
C SER A 53 8.63 -43.67 -14.15
N ALA A 54 7.59 -44.05 -14.89
CA ALA A 54 7.75 -45.05 -15.95
C ALA A 54 8.32 -44.44 -17.21
N LEU A 55 8.13 -43.13 -17.40
CA LEU A 55 8.48 -42.53 -18.68
C LEU A 55 9.99 -42.34 -18.85
N ASN A 56 10.74 -42.25 -17.75
CA ASN A 56 12.18 -41.97 -17.86
C ASN A 56 12.35 -40.50 -18.21
N VAL A 57 11.97 -39.60 -17.29
CA VAL A 57 11.82 -38.17 -17.59
C VAL A 57 13.18 -37.48 -17.54
N VAL A 58 13.34 -36.47 -18.39
CA VAL A 58 14.48 -35.57 -18.24
C VAL A 58 14.00 -34.23 -17.68
N GLN A 59 12.73 -33.90 -17.88
CA GLN A 59 12.19 -32.67 -17.34
C GLN A 59 10.72 -32.87 -17.01
N VAL A 60 10.30 -32.30 -15.89
CA VAL A 60 8.89 -32.10 -15.59
C VAL A 60 8.70 -30.61 -15.38
N ALA A 61 7.50 -30.15 -15.70
CA ALA A 61 7.23 -28.72 -15.74
C ALA A 61 5.74 -28.54 -15.51
N GLY A 62 5.39 -27.58 -14.66
CA GLY A 62 4.02 -27.37 -14.25
C GLY A 62 3.46 -26.06 -14.79
N GLY A 63 2.23 -26.11 -15.27
CA GLY A 63 1.52 -24.89 -15.63
C GLY A 63 0.37 -24.62 -14.69
N SER A 64 -0.67 -23.98 -15.19
CA SER A 64 -1.89 -23.80 -14.40
C SER A 64 -2.67 -25.11 -14.38
N LYS A 65 -2.64 -25.80 -13.24
CA LYS A 65 -3.28 -27.11 -13.09
C LYS A 65 -2.91 -28.05 -14.25
N SER A 66 -1.63 -28.09 -14.59
CA SER A 66 -1.18 -28.86 -15.73
C SER A 66 0.23 -29.38 -15.45
N LEU A 67 0.65 -30.37 -16.23
CA LEU A 67 1.90 -31.05 -15.95
C LEU A 67 2.42 -31.58 -17.27
N PHE A 68 3.68 -31.30 -17.57
CA PHE A 68 4.31 -31.84 -18.78
C PHE A 68 5.59 -32.55 -18.41
N ALA A 69 5.89 -33.64 -19.12
CA ALA A 69 7.12 -34.39 -18.90
C ALA A 69 7.82 -34.60 -20.24
N VAL A 70 9.11 -34.27 -20.27
CA VAL A 70 9.96 -34.56 -21.42
C VAL A 70 10.83 -35.76 -21.07
N THR A 71 10.85 -36.75 -21.96
CA THR A 71 11.52 -38.00 -21.70
C THR A 71 12.86 -38.04 -22.40
N VAL A 72 13.74 -38.94 -21.94
CA VAL A 72 15.04 -39.10 -22.58
C VAL A 72 14.86 -39.36 -24.06
N GLU A 73 13.91 -40.23 -24.40
CA GLU A 73 13.57 -40.51 -25.79
C GLU A 73 13.21 -39.23 -26.57
N GLY A 74 12.88 -38.15 -25.89
CA GLY A 74 12.52 -36.91 -26.57
C GLY A 74 11.03 -36.68 -26.74
N LYS A 75 10.19 -37.56 -26.19
CA LYS A 75 8.75 -37.40 -26.25
C LYS A 75 8.27 -36.53 -25.10
N VAL A 76 7.04 -36.03 -25.22
CA VAL A 76 6.41 -35.15 -24.26
C VAL A 76 5.07 -35.74 -23.83
N TYR A 77 4.81 -35.76 -22.53
CA TYR A 77 3.55 -36.21 -21.98
C TYR A 77 2.88 -35.09 -21.20
N ALA A 78 1.55 -35.13 -21.12
CA ALA A 78 0.81 -34.03 -20.51
C ALA A 78 -0.40 -34.58 -19.79
N CYS A 79 -0.72 -33.99 -18.65
CA CYS A 79 -1.94 -34.33 -17.93
C CYS A 79 -2.42 -33.09 -17.20
N GLY A 80 -3.66 -33.13 -16.73
CA GLY A 80 -4.24 -32.02 -15.99
C GLY A 80 -5.43 -31.38 -16.70
N GLU A 81 -5.72 -30.12 -16.37
CA GLU A 81 -6.84 -29.42 -17.01
C GLU A 81 -6.53 -29.14 -18.48
N ALA A 82 -7.53 -29.34 -19.34
CA ALA A 82 -7.32 -29.30 -20.79
C ALA A 82 -7.81 -28.01 -21.43
N THR A 83 -8.45 -27.13 -20.65
CA THR A 83 -9.06 -25.92 -21.18
C THR A 83 -8.05 -25.05 -21.92
N ASN A 84 -8.52 -24.38 -22.98
CA ASN A 84 -7.73 -23.50 -23.82
C ASN A 84 -6.68 -24.24 -24.64
N GLY A 85 -6.76 -25.57 -24.72
CA GLY A 85 -5.74 -26.37 -25.38
C GLY A 85 -4.39 -26.31 -24.72
N ARG A 86 -4.34 -26.00 -23.42
CA ARG A 86 -3.05 -25.82 -22.75
C ARG A 86 -2.21 -27.10 -22.74
N LEU A 87 -2.81 -28.28 -22.88
CA LEU A 87 -1.98 -29.49 -22.85
C LEU A 87 -1.52 -29.91 -24.24
N GLY A 88 -2.03 -29.29 -25.31
CA GLY A 88 -1.51 -29.57 -26.64
C GLY A 88 -1.90 -30.92 -27.18
N LEU A 89 -3.00 -31.49 -26.71
CA LEU A 89 -3.40 -32.84 -27.10
C LEU A 89 -4.56 -32.85 -28.09
N GLY A 90 -4.85 -31.74 -28.74
CA GLY A 90 -5.93 -31.70 -29.71
C GLY A 90 -7.31 -31.56 -29.12
N ILE A 91 -7.42 -31.26 -27.83
CA ILE A 91 -8.69 -31.02 -27.18
C ILE A 91 -8.62 -29.67 -26.48
N SER A 92 -9.77 -29.24 -25.92
CA SER A 92 -9.80 -27.97 -25.20
C SER A 92 -10.90 -27.91 -24.14
N SER A 93 -11.33 -29.04 -23.59
CA SER A 93 -12.38 -28.90 -22.58
C SER A 93 -12.25 -29.80 -21.36
N GLY A 94 -11.68 -31.00 -21.44
CA GLY A 94 -11.77 -31.90 -20.30
C GLY A 94 -10.71 -31.71 -19.23
N THR A 95 -10.43 -32.82 -18.54
CA THR A 95 -9.17 -33.03 -17.87
C THR A 95 -8.56 -34.30 -18.45
N VAL A 96 -7.23 -34.36 -18.46
CA VAL A 96 -6.53 -35.55 -18.92
C VAL A 96 -5.91 -36.21 -17.69
N PRO A 97 -6.58 -37.19 -17.07
CA PRO A 97 -6.12 -37.66 -15.75
C PRO A 97 -4.85 -38.49 -15.78
N ILE A 98 -4.54 -39.15 -16.89
CA ILE A 98 -3.32 -39.96 -16.92
C ILE A 98 -2.35 -39.28 -17.90
N PRO A 99 -1.06 -39.18 -17.59
CA PRO A 99 -0.14 -38.51 -18.52
C PRO A 99 -0.25 -39.11 -19.91
N ARG A 100 -0.39 -38.24 -20.92
CA ARG A 100 -0.67 -38.67 -22.28
C ARG A 100 0.33 -38.03 -23.24
N GLN A 101 0.78 -38.81 -24.22
CA GLN A 101 1.80 -38.31 -25.12
C GLN A 101 1.23 -37.30 -26.11
N ILE A 102 2.00 -36.24 -26.35
CA ILE A 102 1.67 -35.24 -27.35
C ILE A 102 2.11 -35.78 -28.70
N THR A 103 1.25 -36.59 -29.32
CA THR A 103 1.58 -37.24 -30.58
C THR A 103 1.96 -36.24 -31.66
N ALA A 104 1.46 -35.01 -31.59
CA ALA A 104 1.80 -34.03 -32.61
C ALA A 104 3.30 -33.78 -32.69
N LEU A 105 4.03 -34.04 -31.61
CA LEU A 105 5.47 -33.81 -31.58
C LEU A 105 6.28 -35.09 -31.70
N SER A 106 5.69 -36.19 -32.18
CA SER A 106 6.37 -37.47 -32.06
C SER A 106 7.48 -37.66 -33.10
N SER A 107 7.53 -36.86 -34.15
CA SER A 107 8.63 -36.87 -35.10
C SER A 107 9.82 -36.01 -34.69
N TYR A 108 9.85 -35.55 -33.44
CA TYR A 108 10.89 -34.65 -32.99
C TYR A 108 11.44 -35.16 -31.68
N VAL A 109 12.70 -34.84 -31.42
CA VAL A 109 13.32 -35.09 -30.12
C VAL A 109 13.22 -33.77 -29.38
N VAL A 110 12.24 -33.66 -28.48
CA VAL A 110 12.09 -32.48 -27.65
C VAL A 110 13.09 -32.54 -26.50
N LYS A 111 13.68 -31.39 -26.20
CA LYS A 111 14.66 -31.26 -25.14
C LYS A 111 14.13 -30.49 -23.94
N LYS A 112 13.17 -29.60 -24.14
CA LYS A 112 12.69 -28.76 -23.06
C LYS A 112 11.29 -28.26 -23.38
N VAL A 113 10.44 -28.25 -22.36
CA VAL A 113 9.14 -27.57 -22.40
C VAL A 113 9.24 -26.37 -21.48
N ALA A 114 8.84 -25.20 -21.98
CA ALA A 114 8.79 -23.97 -21.19
C ALA A 114 7.32 -23.61 -20.97
N VAL A 115 6.92 -23.50 -19.71
CA VAL A 115 5.57 -23.12 -19.34
C VAL A 115 5.67 -22.40 -18.01
N HIS A 116 4.78 -21.43 -17.81
CA HIS A 116 4.73 -20.71 -16.56
C HIS A 116 3.82 -21.43 -15.58
N SER A 117 4.04 -21.18 -14.29
CA SER A 117 3.19 -21.81 -13.28
C SER A 117 1.76 -21.31 -13.35
N GLY A 118 1.56 -20.04 -13.73
CA GLY A 118 0.23 -19.52 -13.94
C GLY A 118 -0.16 -19.55 -15.41
N GLY A 119 0.37 -20.52 -16.15
CA GLY A 119 0.37 -20.49 -17.60
C GLY A 119 -0.68 -21.37 -18.24
N ARG A 120 -1.30 -20.85 -19.30
CA ARG A 120 -2.22 -21.63 -20.11
C ARG A 120 -1.68 -21.87 -21.52
N HIS A 121 -0.39 -21.58 -21.78
CA HIS A 121 0.27 -21.94 -23.03
C HIS A 121 1.69 -22.41 -22.73
N ALA A 122 2.32 -23.04 -23.72
CA ALA A 122 3.64 -23.62 -23.53
C ALA A 122 4.38 -23.62 -24.86
N THR A 123 5.70 -23.78 -24.77
CA THR A 123 6.56 -23.97 -25.92
C THR A 123 7.43 -25.18 -25.68
N ALA A 124 7.86 -25.83 -26.76
CA ALA A 124 8.76 -26.97 -26.67
C ALA A 124 9.93 -26.72 -27.61
N LEU A 125 11.14 -27.02 -27.15
CA LEU A 125 12.35 -26.86 -27.95
C LEU A 125 12.95 -28.21 -28.32
N THR A 126 13.26 -28.39 -29.61
CA THR A 126 13.89 -29.64 -30.04
C THR A 126 15.41 -29.53 -29.94
N VAL A 127 16.08 -30.68 -30.06
CA VAL A 127 17.55 -30.70 -29.97
C VAL A 127 18.18 -30.00 -31.15
N ASP A 128 17.57 -30.08 -32.32
CA ASP A 128 18.03 -29.36 -33.50
C ASP A 128 17.52 -27.90 -33.54
N GLY A 129 16.92 -27.39 -32.47
CA GLY A 129 16.72 -25.97 -32.33
C GLY A 129 15.36 -25.41 -32.73
N LYS A 130 14.38 -26.25 -33.01
CA LYS A 130 13.07 -25.77 -33.39
C LYS A 130 12.19 -25.49 -32.16
N VAL A 131 11.26 -24.56 -32.32
CA VAL A 131 10.34 -24.17 -31.25
C VAL A 131 8.92 -24.40 -31.73
N PHE A 132 8.15 -25.15 -30.97
CA PHE A 132 6.72 -25.27 -31.19
C PHE A 132 6.01 -24.61 -30.03
N SER A 133 4.77 -24.21 -30.27
CA SER A 133 3.96 -23.54 -29.27
C SER A 133 2.54 -24.07 -29.35
N TRP A 134 1.85 -24.06 -28.23
CA TRP A 134 0.45 -24.46 -28.23
C TRP A 134 -0.24 -23.83 -27.03
N GLY A 135 -1.57 -23.93 -27.04
CA GLY A 135 -2.38 -23.48 -25.92
C GLY A 135 -3.12 -22.18 -26.18
N GLU A 136 -3.32 -21.39 -25.11
CA GLU A 136 -4.06 -20.14 -25.22
C GLU A 136 -3.29 -19.16 -26.11
N GLY A 137 -4.00 -18.53 -27.06
CA GLY A 137 -3.36 -17.67 -28.03
C GLY A 137 -3.40 -16.18 -27.76
N ASP A 138 -3.98 -15.73 -26.65
CA ASP A 138 -4.20 -14.31 -26.41
C ASP A 138 -2.89 -13.52 -26.47
N ASP A 139 -2.96 -12.35 -27.08
CA ASP A 139 -1.88 -11.36 -27.13
C ASP A 139 -0.67 -11.82 -27.93
N GLY A 140 -0.79 -12.90 -28.71
CA GLY A 140 0.27 -13.32 -29.58
C GLY A 140 1.36 -14.15 -28.94
N LYS A 141 1.14 -14.63 -27.71
CA LYS A 141 2.19 -15.37 -27.03
C LYS A 141 2.54 -16.67 -27.73
N LEU A 142 1.69 -17.17 -28.63
CA LEU A 142 2.11 -18.35 -29.38
C LEU A 142 3.07 -17.99 -30.51
N GLY A 143 3.14 -16.71 -30.90
CA GLY A 143 4.12 -16.24 -31.86
C GLY A 143 3.80 -16.51 -33.32
N HIS A 144 2.53 -16.71 -33.67
CA HIS A 144 2.15 -17.12 -35.02
C HIS A 144 1.46 -16.00 -35.79
N PHE A 145 1.68 -14.74 -35.42
CA PHE A 145 1.06 -13.59 -36.05
C PHE A 145 -0.44 -13.53 -35.82
N SER A 146 -0.95 -14.27 -34.84
CA SER A 146 -2.37 -14.26 -34.57
C SER A 146 -2.59 -14.27 -33.07
N ARG A 147 -3.86 -14.17 -32.67
CA ARG A 147 -4.28 -14.39 -31.30
C ARG A 147 -5.05 -15.71 -31.17
N MET A 148 -4.93 -16.57 -32.17
CA MET A 148 -5.63 -17.86 -32.17
C MET A 148 -5.01 -18.85 -31.18
N ASN A 149 -5.88 -19.60 -30.52
CA ASN A 149 -5.47 -20.78 -29.76
C ASN A 149 -4.98 -21.87 -30.71
N CYS A 150 -3.96 -22.61 -30.27
CA CYS A 150 -3.51 -23.82 -30.95
C CYS A 150 -3.71 -24.99 -29.99
N ASP A 151 -4.64 -25.88 -30.34
CA ASP A 151 -4.89 -27.12 -29.60
C ASP A 151 -3.74 -28.10 -29.72
N LYS A 152 -2.89 -27.93 -30.73
CA LYS A 152 -1.80 -28.86 -30.96
C LYS A 152 -0.55 -28.06 -31.23
N PRO A 153 0.62 -28.54 -30.81
CA PRO A 153 1.85 -27.77 -31.03
C PRO A 153 1.97 -27.36 -32.48
N ARG A 154 2.50 -26.16 -32.70
CA ARG A 154 2.67 -25.63 -34.05
C ARG A 154 4.05 -24.99 -34.14
N LEU A 155 4.77 -25.26 -35.22
CA LEU A 155 6.11 -24.69 -35.39
C LEU A 155 6.03 -23.16 -35.40
N ILE A 156 6.92 -22.52 -34.68
CA ILE A 156 7.00 -21.07 -34.74
C ILE A 156 7.84 -20.68 -35.96
N GLU A 157 7.17 -20.44 -37.09
CA GLU A 157 7.86 -20.15 -38.34
C GLU A 157 8.89 -19.03 -38.20
N ALA A 158 8.54 -17.97 -37.47
CA ALA A 158 9.44 -16.82 -37.37
C ALA A 158 10.85 -17.24 -36.97
N LEU A 159 11.00 -18.35 -36.25
CA LEU A 159 12.30 -18.73 -35.71
C LEU A 159 12.97 -19.88 -36.47
N LYS A 160 12.44 -20.27 -37.63
CA LYS A 160 12.94 -21.48 -38.28
C LYS A 160 14.42 -21.37 -38.62
N THR A 161 14.90 -20.18 -38.97
CA THR A 161 16.30 -20.03 -39.33
C THR A 161 17.18 -19.65 -38.14
N LYS A 162 16.65 -19.71 -36.92
CA LYS A 162 17.42 -19.41 -35.73
C LYS A 162 17.70 -20.69 -34.97
N ARG A 163 18.92 -20.81 -34.46
CA ARG A 163 19.32 -21.93 -33.61
C ARG A 163 18.97 -21.55 -32.19
N ILE A 164 17.80 -21.98 -31.74
CA ILE A 164 17.33 -21.64 -30.41
C ILE A 164 17.97 -22.56 -29.39
N ARG A 165 18.45 -21.97 -28.30
CA ARG A 165 19.12 -22.71 -27.26
C ARG A 165 18.30 -22.80 -25.97
N ASP A 166 17.38 -21.85 -25.73
CA ASP A 166 16.58 -21.89 -24.52
C ASP A 166 15.27 -21.15 -24.78
N ILE A 167 14.27 -21.46 -23.96
CA ILE A 167 12.92 -20.92 -24.08
C ILE A 167 12.35 -20.64 -22.69
N ALA A 168 11.37 -19.73 -22.65
CA ALA A 168 10.60 -19.46 -21.43
C ALA A 168 9.24 -18.91 -21.83
N CYS A 169 8.28 -19.08 -20.93
CA CYS A 169 6.95 -18.52 -21.11
C CYS A 169 6.46 -17.92 -19.80
N GLY A 170 5.90 -16.73 -19.86
CA GLY A 170 5.07 -16.21 -18.79
C GLY A 170 3.63 -16.61 -19.00
N SER A 171 2.74 -15.91 -18.30
CA SER A 171 1.32 -16.12 -18.52
C SER A 171 0.82 -15.43 -19.77
N SER A 172 1.53 -14.40 -20.23
CA SER A 172 1.04 -13.55 -21.31
C SER A 172 2.09 -13.24 -22.36
N HIS A 173 3.31 -13.73 -22.22
CA HIS A 173 4.32 -13.51 -23.25
C HIS A 173 5.29 -14.67 -23.24
N SER A 174 6.17 -14.68 -24.24
CA SER A 174 7.11 -15.77 -24.40
C SER A 174 8.47 -15.20 -24.74
N ALA A 175 9.48 -16.07 -24.70
CA ALA A 175 10.86 -15.69 -24.99
C ALA A 175 11.61 -16.89 -25.53
N ALA A 176 12.69 -16.61 -26.24
CA ALA A 176 13.58 -17.63 -26.76
C ALA A 176 14.91 -16.96 -27.03
N LEU A 177 16.01 -17.68 -26.81
CA LEU A 177 17.32 -17.10 -27.04
C LEU A 177 18.14 -17.98 -27.97
N THR A 178 18.98 -17.34 -28.79
CA THR A 178 19.79 -18.05 -29.77
C THR A 178 21.11 -18.52 -29.17
N SER A 179 21.71 -19.53 -29.80
CA SER A 179 23.02 -19.99 -29.38
C SER A 179 24.06 -18.87 -29.42
N SER A 180 23.90 -17.91 -30.33
CA SER A 180 24.79 -16.76 -30.37
C SER A 180 24.48 -15.75 -29.26
N GLY A 181 23.30 -15.81 -28.66
CA GLY A 181 23.00 -15.03 -27.48
C GLY A 181 21.95 -13.92 -27.61
N GLU A 182 21.17 -13.90 -28.69
CA GLU A 182 20.15 -12.89 -28.85
C GLU A 182 18.85 -13.37 -28.24
N LEU A 183 18.16 -12.46 -27.55
CA LEU A 183 16.89 -12.77 -26.90
C LEU A 183 15.73 -12.30 -27.76
N TYR A 184 14.71 -13.15 -27.89
CA TYR A 184 13.47 -12.81 -28.57
C TYR A 184 12.34 -12.78 -27.57
N THR A 185 11.43 -11.85 -27.75
CA THR A 185 10.22 -11.76 -26.94
C THR A 185 9.03 -11.55 -27.85
N TRP A 186 7.85 -11.93 -27.35
CA TRP A 186 6.62 -11.74 -28.09
C TRP A 186 5.48 -12.02 -27.15
N GLY A 187 4.32 -11.47 -27.48
CA GLY A 187 3.15 -11.56 -26.63
C GLY A 187 2.68 -10.20 -26.17
N LEU A 188 2.08 -10.17 -24.98
CA LEU A 188 1.47 -8.96 -24.45
C LEU A 188 2.53 -7.91 -24.21
N GLY A 189 2.28 -6.69 -24.70
CA GLY A 189 3.27 -5.62 -24.60
C GLY A 189 3.01 -4.71 -23.42
N GLU A 190 1.81 -4.82 -22.84
CA GLU A 190 1.40 -3.91 -21.79
C GLU A 190 2.31 -4.01 -20.57
N TYR A 191 2.68 -2.85 -20.03
CA TYR A 191 3.62 -2.71 -18.91
C TYR A 191 5.06 -3.05 -19.29
N GLY A 192 5.34 -3.09 -20.60
CA GLY A 192 6.69 -3.17 -21.12
C GLY A 192 7.44 -4.46 -20.90
N ARG A 193 6.74 -5.59 -20.66
CA ARG A 193 7.42 -6.85 -20.36
C ARG A 193 8.16 -7.43 -21.57
N LEU A 194 7.93 -6.91 -22.77
CA LEU A 194 8.63 -7.45 -23.93
C LEU A 194 10.03 -6.87 -24.09
N GLY A 195 10.24 -5.66 -23.58
CA GLY A 195 11.57 -5.07 -23.54
C GLY A 195 11.99 -4.29 -24.77
N HIS A 196 11.05 -3.82 -25.59
CA HIS A 196 11.39 -3.20 -26.86
C HIS A 196 11.27 -1.68 -26.83
N GLY A 197 11.20 -1.09 -25.65
CA GLY A 197 11.12 0.35 -25.55
C GLY A 197 9.75 0.96 -25.71
N ASP A 198 8.68 0.15 -25.69
CA ASP A 198 7.31 0.63 -25.78
C ASP A 198 6.41 -0.42 -25.14
N ASN A 199 5.10 -0.22 -25.21
CA ASN A 199 4.17 -1.15 -24.61
C ASN A 199 3.38 -1.94 -25.66
N THR A 200 3.93 -2.09 -26.86
CA THR A 200 3.20 -2.67 -27.97
C THR A 200 3.21 -4.20 -27.92
N THR A 201 2.05 -4.79 -28.17
CA THR A 201 1.95 -6.23 -28.31
C THR A 201 2.62 -6.69 -29.60
N GLN A 202 3.34 -7.80 -29.51
CA GLN A 202 4.07 -8.39 -30.62
C GLN A 202 3.52 -9.78 -30.89
N LEU A 203 2.95 -9.99 -32.07
CA LEU A 203 2.40 -11.29 -32.37
C LEU A 203 3.45 -12.24 -32.97
N LYS A 204 4.61 -11.72 -33.37
CA LYS A 204 5.73 -12.54 -33.80
C LYS A 204 6.93 -12.27 -32.91
N PRO A 205 7.87 -13.21 -32.84
CA PRO A 205 9.11 -12.97 -32.09
C PRO A 205 9.82 -11.72 -32.59
N LYS A 206 10.29 -10.92 -31.64
CA LYS A 206 11.01 -9.69 -31.91
C LYS A 206 12.26 -9.65 -31.06
N MET A 207 13.37 -9.23 -31.66
CA MET A 207 14.66 -9.22 -30.97
C MET A 207 14.71 -8.06 -29.96
N VAL A 208 15.15 -8.37 -28.75
CA VAL A 208 15.41 -7.31 -27.76
C VAL A 208 16.73 -6.63 -28.12
N LYS A 209 16.65 -5.57 -28.94
CA LYS A 209 17.85 -4.93 -29.48
C LYS A 209 18.73 -4.34 -28.40
N VAL A 210 18.14 -3.90 -27.28
CA VAL A 210 18.94 -3.30 -26.21
C VAL A 210 20.00 -4.27 -25.67
N LEU A 211 19.71 -5.56 -25.67
CA LEU A 211 20.65 -6.51 -25.09
C LEU A 211 21.70 -7.01 -26.06
N LEU A 212 21.75 -6.49 -27.29
CA LEU A 212 22.81 -6.90 -28.21
C LEU A 212 24.16 -6.46 -27.67
N GLY A 213 25.16 -7.32 -27.84
CA GLY A 213 26.45 -7.14 -27.21
C GLY A 213 26.60 -7.89 -25.91
N HIS A 214 25.50 -8.28 -25.28
CA HIS A 214 25.50 -9.27 -24.21
C HIS A 214 25.06 -10.61 -24.78
N ARG A 215 25.77 -11.67 -24.41
CA ARG A 215 25.32 -13.01 -24.76
C ARG A 215 24.31 -13.46 -23.71
N VAL A 216 23.03 -13.47 -24.06
CA VAL A 216 22.00 -13.86 -23.11
C VAL A 216 21.93 -15.38 -23.07
N ILE A 217 22.03 -15.96 -21.88
CA ILE A 217 22.03 -17.41 -21.74
C ILE A 217 20.80 -17.93 -21.01
N GLN A 218 20.07 -17.07 -20.32
CA GLN A 218 18.87 -17.57 -19.68
C GLN A 218 17.89 -16.41 -19.55
N VAL A 219 16.60 -16.74 -19.64
CA VAL A 219 15.54 -15.76 -19.51
C VAL A 219 14.38 -16.40 -18.73
N ALA A 220 13.65 -15.56 -17.99
CA ALA A 220 12.51 -16.02 -17.20
C ALA A 220 11.39 -15.00 -17.30
N CYS A 221 10.15 -15.49 -17.27
CA CYS A 221 8.98 -14.67 -17.58
C CYS A 221 7.93 -14.78 -16.48
N GLY A 222 7.35 -13.65 -16.11
CA GLY A 222 6.38 -13.60 -15.03
C GLY A 222 4.96 -13.75 -15.54
N SER A 223 4.01 -13.56 -14.63
CA SER A 223 2.60 -13.73 -14.94
C SER A 223 1.79 -12.48 -14.57
N ARG A 224 0.54 -12.44 -15.04
CA ARG A 224 -0.29 -11.25 -14.95
C ARG A 224 0.48 -9.99 -15.33
N ASP A 225 0.59 -9.03 -14.42
CA ASP A 225 1.37 -7.83 -14.69
C ASP A 225 2.83 -8.25 -14.50
N ALA A 226 3.42 -8.74 -15.57
CA ALA A 226 4.59 -9.60 -15.51
C ALA A 226 5.89 -8.82 -15.66
N GLN A 227 6.92 -9.33 -14.99
CA GLN A 227 8.31 -8.96 -15.20
C GLN A 227 8.98 -9.96 -16.13
N THR A 228 10.16 -9.58 -16.61
CA THR A 228 11.03 -10.47 -17.36
C THR A 228 12.44 -10.33 -16.78
N LEU A 229 13.17 -11.45 -16.71
CA LEU A 229 14.57 -11.49 -16.29
C LEU A 229 15.41 -12.13 -17.37
N ALA A 230 16.62 -11.60 -17.57
CA ALA A 230 17.60 -12.22 -18.44
C ALA A 230 18.89 -12.41 -17.68
N LEU A 231 19.68 -13.41 -18.09
CA LEU A 231 20.99 -13.67 -17.51
C LEU A 231 22.01 -13.74 -18.63
N THR A 232 23.12 -13.02 -18.49
CA THR A 232 24.17 -13.08 -19.49
C THR A 232 25.25 -14.04 -19.04
N ASP A 233 26.12 -14.41 -19.99
CA ASP A 233 27.24 -15.31 -19.68
C ASP A 233 28.32 -14.63 -18.85
N GLU A 234 28.15 -13.37 -18.46
CA GLU A 234 29.01 -12.70 -17.49
C GLU A 234 28.38 -12.61 -16.12
N GLY A 235 27.21 -13.24 -15.94
CA GLY A 235 26.53 -13.22 -14.67
C GLY A 235 25.73 -11.97 -14.37
N LEU A 236 25.53 -11.10 -15.35
CA LEU A 236 24.69 -9.93 -15.17
C LEU A 236 23.23 -10.32 -15.35
N VAL A 237 22.38 -9.86 -14.43
CA VAL A 237 20.93 -10.09 -14.51
C VAL A 237 20.26 -8.79 -14.90
N PHE A 238 19.39 -8.84 -15.90
CA PHE A 238 18.59 -7.70 -16.30
C PHE A 238 17.13 -8.01 -15.99
N SER A 239 16.34 -6.95 -15.87
CA SER A 239 14.91 -7.08 -15.61
C SER A 239 14.18 -5.93 -16.29
N TRP A 240 12.89 -6.14 -16.54
CA TRP A 240 12.07 -5.10 -17.14
C TRP A 240 10.60 -5.54 -17.06
N GLY A 241 9.71 -4.65 -17.46
CA GLY A 241 8.31 -4.98 -17.38
C GLY A 241 7.67 -4.37 -16.15
N ASP A 242 6.63 -4.99 -15.63
CA ASP A 242 5.89 -4.43 -14.51
C ASP A 242 6.77 -4.32 -13.26
N GLY A 243 6.62 -3.21 -12.53
CA GLY A 243 7.42 -2.98 -11.35
C GLY A 243 6.73 -3.17 -10.01
N ASP A 244 5.43 -3.49 -10.01
CA ASP A 244 4.68 -3.69 -8.77
C ASP A 244 5.44 -4.62 -7.79
N PHE A 245 5.43 -4.24 -6.51
CA PHE A 245 6.00 -5.02 -5.41
C PHE A 245 7.51 -5.20 -5.55
N GLY A 246 8.15 -4.40 -6.41
CA GLY A 246 9.59 -4.42 -6.52
C GLY A 246 10.16 -5.69 -7.11
N LYS A 247 9.37 -6.41 -7.92
CA LYS A 247 9.89 -7.64 -8.52
C LYS A 247 10.95 -7.39 -9.58
N LEU A 248 11.14 -6.13 -10.01
CA LEU A 248 12.22 -5.80 -10.93
C LEU A 248 13.56 -5.75 -10.22
N GLY A 249 13.57 -5.61 -8.89
CA GLY A 249 14.79 -5.75 -8.11
C GLY A 249 15.63 -4.51 -8.00
N ARG A 250 15.08 -3.33 -8.31
CA ARG A 250 15.80 -2.08 -8.18
C ARG A 250 15.08 -1.09 -7.26
N GLY A 251 14.19 -1.59 -6.39
CA GLY A 251 13.51 -0.77 -5.41
C GLY A 251 12.25 -0.11 -5.94
N GLY A 252 11.46 0.41 -5.00
CA GLY A 252 10.20 1.04 -5.33
C GLY A 252 9.30 0.14 -6.16
N SER A 253 8.56 0.77 -7.08
CA SER A 253 7.55 0.05 -7.85
C SER A 253 7.46 0.52 -9.29
N GLU A 254 8.45 1.27 -9.79
CA GLU A 254 8.36 1.80 -11.14
C GLU A 254 8.72 0.70 -12.15
N GLY A 255 7.91 0.59 -13.21
CA GLY A 255 8.22 -0.34 -14.27
C GLY A 255 9.05 0.31 -15.37
N CYS A 256 9.55 -0.53 -16.27
CA CYS A 256 10.26 -0.03 -17.44
C CYS A 256 10.03 -0.99 -18.59
N ASN A 257 10.18 -0.47 -19.81
CA ASN A 257 10.04 -1.31 -21.00
C ASN A 257 11.37 -1.52 -21.69
N ILE A 258 12.46 -1.27 -20.98
CA ILE A 258 13.82 -1.43 -21.48
C ILE A 258 14.58 -2.21 -20.41
N PRO A 259 15.35 -3.24 -20.78
CA PRO A 259 16.07 -4.02 -19.76
C PRO A 259 17.07 -3.17 -18.99
N GLN A 260 17.05 -3.31 -17.65
CA GLN A 260 18.00 -2.68 -16.78
C GLN A 260 18.72 -3.74 -15.95
N ASN A 261 19.96 -3.43 -15.60
CA ASN A 261 20.80 -4.31 -14.82
C ASN A 261 20.37 -4.27 -13.35
N ILE A 262 20.12 -5.44 -12.77
CA ILE A 262 19.90 -5.54 -11.33
C ILE A 262 21.26 -5.52 -10.64
N GLU A 263 21.70 -4.33 -10.24
CA GLU A 263 23.06 -4.13 -9.75
C GLU A 263 23.38 -5.03 -8.56
N ARG A 264 22.40 -5.30 -7.70
CA ARG A 264 22.68 -6.04 -6.47
C ARG A 264 23.32 -7.40 -6.76
N LEU A 265 23.03 -7.99 -7.91
CA LEU A 265 23.44 -9.37 -8.23
C LEU A 265 24.76 -9.45 -8.99
N ASN A 266 25.32 -8.34 -9.45
CA ASN A 266 26.60 -8.39 -10.15
C ASN A 266 27.67 -9.05 -9.29
N GLY A 267 28.51 -9.86 -9.93
CA GLY A 267 29.59 -10.52 -9.23
C GLY A 267 29.19 -11.67 -8.34
N GLN A 268 27.90 -12.05 -8.34
CA GLN A 268 27.37 -13.04 -7.42
C GLN A 268 27.33 -14.45 -8.00
N GLY A 269 27.60 -14.62 -9.30
CA GLY A 269 27.60 -15.93 -9.93
C GLY A 269 26.22 -16.53 -10.17
N VAL A 270 25.19 -15.70 -10.36
CA VAL A 270 23.84 -16.17 -10.63
C VAL A 270 23.86 -17.13 -11.80
N CYS A 271 23.38 -18.37 -11.59
CA CYS A 271 23.36 -19.36 -12.67
C CYS A 271 21.96 -19.80 -13.08
N GLN A 272 20.93 -19.46 -12.31
CA GLN A 272 19.55 -19.79 -12.67
C GLN A 272 18.64 -18.65 -12.24
N ILE A 273 17.65 -18.33 -13.08
CA ILE A 273 16.66 -17.30 -12.77
C ILE A 273 15.25 -17.85 -13.00
N GLU A 274 14.32 -17.39 -12.17
CA GLU A 274 12.95 -17.89 -12.23
C GLU A 274 12.00 -16.75 -11.89
N CYS A 275 10.75 -16.89 -12.34
CA CYS A 275 9.69 -15.92 -12.04
C CYS A 275 8.44 -16.68 -11.64
N GLY A 276 7.96 -16.46 -10.42
CA GLY A 276 6.70 -16.98 -9.97
C GLY A 276 5.60 -15.94 -10.16
N ALA A 277 4.56 -16.06 -9.34
CA ALA A 277 3.50 -15.06 -9.34
C ALA A 277 4.02 -13.79 -8.63
N GLN A 278 4.36 -12.76 -9.40
CA GLN A 278 4.71 -11.44 -8.88
C GLN A 278 5.97 -11.42 -8.02
N PHE A 279 6.88 -12.40 -8.17
CA PHE A 279 8.18 -12.30 -7.53
C PHE A 279 9.22 -13.01 -8.39
N SER A 280 10.49 -12.81 -8.01
CA SER A 280 11.64 -13.25 -8.79
C SER A 280 12.56 -14.03 -7.87
N LEU A 281 13.33 -14.94 -8.47
CA LEU A 281 14.25 -15.81 -7.72
C LEU A 281 15.52 -16.04 -8.54
N ALA A 282 16.65 -16.08 -7.86
CA ALA A 282 17.93 -16.35 -8.50
C ALA A 282 18.74 -17.32 -7.66
N LEU A 283 19.45 -18.22 -8.32
CA LEU A 283 20.33 -19.15 -7.66
C LEU A 283 21.74 -18.90 -8.17
N THR A 284 22.72 -19.04 -7.29
CA THR A 284 24.12 -18.82 -7.67
C THR A 284 24.86 -20.15 -7.76
N LYS A 285 25.98 -20.12 -8.48
CA LYS A 285 26.82 -21.31 -8.58
C LYS A 285 27.35 -21.72 -7.21
N SER A 286 27.49 -20.80 -6.27
CA SER A 286 27.97 -21.21 -4.96
C SER A 286 26.85 -21.78 -4.10
N GLY A 287 25.62 -21.79 -4.60
CA GLY A 287 24.51 -22.41 -3.92
C GLY A 287 23.59 -21.47 -3.17
N VAL A 288 23.67 -20.16 -3.40
CA VAL A 288 22.91 -19.17 -2.65
C VAL A 288 21.64 -18.82 -3.41
N VAL A 289 20.57 -18.59 -2.68
CA VAL A 289 19.28 -18.24 -3.27
C VAL A 289 18.91 -16.81 -2.89
N TRP A 290 18.49 -16.02 -3.87
CA TRP A 290 18.00 -14.66 -3.67
C TRP A 290 16.57 -14.58 -4.16
N THR A 291 15.73 -13.87 -3.42
CA THR A 291 14.35 -13.64 -3.84
C THR A 291 13.96 -12.19 -3.59
N TRP A 292 12.92 -11.76 -4.29
CA TRP A 292 12.43 -10.40 -4.10
C TRP A 292 11.12 -10.27 -4.86
N GLY A 293 10.22 -9.45 -4.34
CA GLY A 293 8.96 -9.22 -5.00
C GLY A 293 7.82 -9.19 -4.01
N LYS A 294 6.63 -9.60 -4.46
CA LYS A 294 5.46 -9.54 -3.61
C LYS A 294 5.57 -10.60 -2.50
N GLY A 295 5.42 -10.17 -1.25
CA GLY A 295 5.68 -11.01 -0.10
C GLY A 295 4.50 -11.78 0.45
N ASP A 296 3.27 -11.49 0.01
CA ASP A 296 2.10 -12.09 0.63
C ASP A 296 2.17 -13.59 0.57
N TYR A 297 1.65 -14.24 1.62
CA TYR A 297 1.58 -15.69 1.73
C TYR A 297 2.96 -16.34 1.76
N PHE A 298 3.99 -15.55 2.05
CA PHE A 298 5.33 -16.02 2.42
C PHE A 298 6.10 -16.64 1.26
N ARG A 299 5.77 -16.25 0.03
CA ARG A 299 6.43 -16.82 -1.14
C ARG A 299 7.90 -16.44 -1.24
N LEU A 300 8.39 -15.46 -0.49
CA LEU A 300 9.79 -15.06 -0.65
C LEU A 300 10.75 -15.91 0.19
N GLY A 301 10.29 -16.48 1.30
CA GLY A 301 11.12 -17.37 2.10
C GLY A 301 11.83 -16.72 3.25
N HIS A 302 11.61 -15.43 3.51
CA HIS A 302 12.30 -14.71 4.56
C HIS A 302 11.57 -14.74 5.90
N GLY A 303 10.46 -15.47 6.01
CA GLY A 303 9.78 -15.66 7.29
C GLY A 303 8.75 -14.60 7.65
N SER A 304 8.59 -13.56 6.84
CA SER A 304 7.51 -12.61 7.00
C SER A 304 6.95 -12.34 5.61
N ASP A 305 5.72 -11.83 5.55
CA ASP A 305 5.03 -11.67 4.27
C ASP A 305 5.14 -10.27 3.70
N VAL A 306 6.24 -9.55 3.98
CA VAL A 306 6.40 -8.19 3.47
C VAL A 306 7.07 -8.24 2.10
N HIS A 307 6.79 -7.23 1.29
CA HIS A 307 7.41 -7.12 -0.02
C HIS A 307 8.91 -6.84 0.12
N VAL A 308 9.69 -7.34 -0.84
CA VAL A 308 11.15 -7.18 -0.84
C VAL A 308 11.52 -6.61 -2.20
N ARG A 309 11.92 -5.33 -2.23
CA ARG A 309 12.06 -4.62 -3.50
C ARG A 309 13.49 -4.63 -4.07
N LYS A 310 14.45 -5.21 -3.37
CA LYS A 310 15.75 -5.52 -3.95
C LYS A 310 16.11 -6.93 -3.51
N PRO A 311 16.88 -7.65 -4.32
CA PRO A 311 17.12 -9.07 -4.02
C PRO A 311 17.72 -9.23 -2.63
N GLN A 312 17.20 -10.23 -1.90
CA GLN A 312 17.67 -10.57 -0.57
C GLN A 312 17.94 -12.07 -0.48
N VAL A 313 19.05 -12.43 0.16
CA VAL A 313 19.42 -13.82 0.34
C VAL A 313 18.39 -14.51 1.22
N VAL A 314 17.90 -15.66 0.77
CA VAL A 314 17.09 -16.51 1.63
C VAL A 314 18.01 -17.02 2.74
N GLU A 315 17.98 -16.35 3.88
CA GLU A 315 18.87 -16.69 4.98
C GLU A 315 18.63 -18.12 5.47
N GLY A 316 17.39 -18.60 5.39
CA GLY A 316 17.06 -19.92 5.93
C GLY A 316 17.76 -21.05 5.22
N LEU A 317 18.53 -20.72 4.18
CA LEU A 317 19.30 -21.72 3.44
C LEU A 317 20.81 -21.44 3.45
N ARG A 318 21.29 -20.55 4.31
CA ARG A 318 22.73 -20.41 4.48
C ARG A 318 23.35 -21.76 4.87
N GLY A 319 24.47 -22.08 4.25
CA GLY A 319 25.18 -23.29 4.54
C GLY A 319 24.70 -24.50 3.77
N LYS A 320 23.53 -24.43 3.16
CA LYS A 320 23.05 -25.49 2.30
C LYS A 320 23.34 -25.09 0.87
N LYS A 321 24.08 -25.93 0.15
CA LYS A 321 24.39 -25.63 -1.24
C LYS A 321 23.22 -26.08 -2.11
N ILE A 322 22.39 -25.12 -2.53
CA ILE A 322 21.29 -25.42 -3.45
C ILE A 322 21.83 -25.64 -4.85
N VAL A 323 21.37 -26.71 -5.50
CA VAL A 323 21.81 -27.02 -6.85
C VAL A 323 20.70 -26.88 -7.89
N HIS A 324 19.44 -26.93 -7.50
CA HIS A 324 18.36 -26.63 -8.43
C HIS A 324 17.23 -25.97 -7.67
N VAL A 325 16.49 -25.08 -8.35
CA VAL A 325 15.34 -24.42 -7.73
C VAL A 325 14.21 -24.41 -8.73
N ALA A 326 12.99 -24.26 -8.19
CA ALA A 326 11.79 -24.12 -9.00
C ALA A 326 10.80 -23.26 -8.23
N VAL A 327 9.96 -22.52 -8.97
CA VAL A 327 8.93 -21.67 -8.37
C VAL A 327 7.57 -22.05 -8.95
N GLY A 328 6.54 -21.96 -8.11
CA GLY A 328 5.16 -22.02 -8.56
C GLY A 328 4.53 -20.65 -8.45
N ALA A 329 3.22 -20.57 -8.22
CA ALA A 329 2.59 -19.27 -8.05
C ALA A 329 3.02 -18.64 -6.72
N LEU A 330 2.88 -19.39 -5.63
CA LEU A 330 3.08 -18.89 -4.26
C LEU A 330 4.07 -19.74 -3.46
N HIS A 331 4.84 -20.60 -4.11
CA HIS A 331 5.73 -21.50 -3.38
C HIS A 331 6.99 -21.78 -4.20
N CYS A 332 8.02 -22.24 -3.49
CA CYS A 332 9.33 -22.49 -4.05
C CYS A 332 9.84 -23.82 -3.54
N LEU A 333 10.70 -24.46 -4.34
CA LEU A 333 11.42 -25.67 -3.96
C LEU A 333 12.90 -25.44 -4.22
N ALA A 334 13.74 -25.90 -3.31
CA ALA A 334 15.19 -25.83 -3.50
C ALA A 334 15.77 -27.19 -3.15
N VAL A 335 16.70 -27.65 -3.98
CA VAL A 335 17.32 -28.98 -3.85
C VAL A 335 18.76 -28.81 -3.41
N THR A 336 19.14 -29.47 -2.33
CA THR A 336 20.54 -29.43 -1.92
C THR A 336 21.36 -30.45 -2.69
N ASP A 337 22.68 -30.33 -2.57
CA ASP A 337 23.56 -31.26 -3.25
C ASP A 337 23.58 -32.66 -2.63
N SER A 338 23.02 -32.84 -1.44
CA SER A 338 22.84 -34.17 -0.87
C SER A 338 21.44 -34.72 -1.12
N GLY A 339 20.69 -34.11 -2.04
CA GLY A 339 19.40 -34.63 -2.45
C GLY A 339 18.23 -34.32 -1.55
N GLN A 340 18.29 -33.24 -0.78
CA GLN A 340 17.17 -32.82 0.06
C GLN A 340 16.43 -31.66 -0.58
N VAL A 341 15.12 -31.68 -0.46
CA VAL A 341 14.27 -30.64 -1.04
C VAL A 341 13.74 -29.78 0.11
N TYR A 342 13.94 -28.46 0.00
CA TYR A 342 13.39 -27.49 0.94
C TYR A 342 12.26 -26.70 0.28
N ALA A 343 11.19 -26.47 1.02
CA ALA A 343 10.02 -25.77 0.49
C ALA A 343 9.71 -24.54 1.32
N TRP A 344 9.17 -23.51 0.69
CA TRP A 344 8.59 -22.41 1.45
C TRP A 344 7.44 -21.79 0.67
N GLY A 345 6.54 -21.13 1.40
CA GLY A 345 5.45 -20.39 0.79
C GLY A 345 4.08 -20.95 1.20
N ASP A 346 3.12 -20.79 0.31
CA ASP A 346 1.72 -21.03 0.64
C ASP A 346 1.40 -22.53 0.60
N ASN A 347 0.39 -22.95 1.36
CA ASN A 347 0.13 -24.38 1.47
C ASN A 347 -1.36 -24.69 1.43
N ASP A 348 -2.16 -23.89 0.71
CA ASP A 348 -3.59 -24.12 0.68
C ASP A 348 -3.95 -25.51 0.15
N HIS A 349 -3.11 -26.07 -0.73
CA HIS A 349 -3.42 -27.34 -1.38
C HIS A 349 -2.36 -28.40 -1.10
N GLY A 350 -1.48 -28.15 -0.13
CA GLY A 350 -0.49 -29.14 0.24
C GLY A 350 0.81 -29.05 -0.54
N GLN A 351 0.98 -28.02 -1.37
CA GLN A 351 2.14 -27.98 -2.25
C GLN A 351 3.47 -27.80 -1.51
N GLN A 352 3.44 -27.52 -0.20
CA GLN A 352 4.68 -27.48 0.59
C GLN A 352 5.23 -28.88 0.89
N GLY A 353 4.41 -29.91 0.82
CA GLY A 353 4.88 -31.22 1.23
C GLY A 353 5.26 -31.36 2.70
N ASN A 354 4.63 -30.59 3.59
CA ASN A 354 4.86 -30.75 5.02
C ASN A 354 3.75 -31.55 5.71
N GLY A 355 3.01 -32.36 4.96
CA GLY A 355 1.92 -33.15 5.52
C GLY A 355 0.70 -32.37 6.00
N THR A 356 0.65 -31.05 5.81
CA THR A 356 -0.47 -30.28 6.31
C THR A 356 -0.84 -29.27 5.23
N THR A 357 -1.76 -28.37 5.59
CA THR A 357 -2.00 -27.20 4.78
C THR A 357 -1.51 -25.94 5.46
N THR A 358 -0.52 -26.07 6.35
CA THR A 358 0.07 -24.93 7.03
C THR A 358 1.19 -24.32 6.17
N VAL A 359 1.13 -22.99 6.00
CA VAL A 359 2.17 -22.24 5.31
C VAL A 359 3.54 -22.53 5.92
N ASN A 360 4.54 -22.63 5.05
CA ASN A 360 5.95 -22.67 5.45
C ASN A 360 6.46 -21.22 5.37
N ARG A 361 6.58 -20.57 6.52
CA ARG A 361 7.11 -19.20 6.51
C ARG A 361 8.60 -19.17 6.14
N LYS A 362 9.33 -20.26 6.34
CA LYS A 362 10.76 -20.36 6.10
C LYS A 362 11.04 -21.56 5.22
N PRO A 363 12.26 -21.67 4.68
CA PRO A 363 12.68 -22.95 4.07
C PRO A 363 12.52 -24.11 5.01
N THR A 364 11.74 -25.10 4.61
CA THR A 364 11.34 -26.19 5.46
C THR A 364 11.56 -27.50 4.72
N LEU A 365 12.33 -28.39 5.33
CA LEU A 365 12.61 -29.70 4.76
C LEU A 365 11.32 -30.39 4.33
N VAL A 366 11.31 -30.91 3.13
CA VAL A 366 10.14 -31.58 2.57
C VAL A 366 10.07 -33.01 3.07
N GLN A 367 8.86 -33.51 3.26
CA GLN A 367 8.63 -34.79 3.92
C GLN A 367 8.59 -35.94 2.90
N GLY A 368 8.92 -37.14 3.37
CA GLY A 368 8.67 -38.33 2.59
C GLY A 368 9.57 -38.58 1.39
N LEU A 369 10.84 -38.18 1.43
CA LEU A 369 11.74 -38.29 0.26
C LEU A 369 13.12 -38.79 0.71
N GLU A 370 13.21 -39.43 1.87
CA GLU A 370 14.51 -39.91 2.42
C GLU A 370 14.94 -41.18 1.69
N GLY A 371 16.25 -41.27 1.38
CA GLY A 371 16.77 -42.41 0.61
C GLY A 371 16.65 -42.12 -0.87
N GLN A 372 16.43 -40.85 -1.21
CA GLN A 372 16.24 -40.45 -2.63
C GLN A 372 17.26 -39.38 -2.98
N LYS A 373 18.12 -39.64 -3.96
CA LYS A 373 19.04 -38.56 -4.39
C LYS A 373 18.28 -37.67 -5.38
N ILE A 374 17.34 -36.86 -4.87
CA ILE A 374 16.59 -35.92 -5.73
C ILE A 374 17.58 -34.94 -6.37
N THR A 375 17.44 -34.69 -7.67
CA THR A 375 18.37 -33.83 -8.44
C THR A 375 17.61 -32.64 -9.01
N ARG A 376 16.31 -32.77 -9.25
CA ARG A 376 15.58 -31.71 -9.93
C ARG A 376 14.21 -31.51 -9.30
N VAL A 377 13.76 -30.24 -9.28
CA VAL A 377 12.41 -29.95 -8.84
C VAL A 377 11.67 -29.16 -9.91
N ALA A 378 10.34 -29.15 -9.80
CA ALA A 378 9.51 -28.32 -10.68
C ALA A 378 8.23 -27.99 -9.94
N CYS A 379 7.57 -26.93 -10.40
CA CYS A 379 6.33 -26.45 -9.79
C CYS A 379 5.34 -26.05 -10.87
N GLY A 380 4.07 -26.41 -10.65
CA GLY A 380 2.96 -25.76 -11.33
C GLY A 380 2.33 -24.72 -10.43
N SER A 381 1.13 -24.29 -10.81
CA SER A 381 0.44 -23.24 -10.06
C SER A 381 0.36 -23.59 -8.58
N SER A 382 -0.11 -24.81 -8.27
CA SER A 382 -0.36 -25.24 -6.89
C SER A 382 0.18 -26.64 -6.63
N HIS A 383 1.17 -27.08 -7.38
CA HIS A 383 1.63 -28.46 -7.23
C HIS A 383 3.14 -28.51 -7.42
N SER A 384 3.71 -29.63 -7.01
CA SER A 384 5.14 -29.77 -6.83
C SER A 384 5.60 -31.11 -7.37
N VAL A 385 6.83 -31.13 -7.89
CA VAL A 385 7.44 -32.33 -8.44
C VAL A 385 8.90 -32.36 -8.01
N ALA A 386 9.40 -33.57 -7.71
CA ALA A 386 10.82 -33.84 -7.43
C ALA A 386 11.17 -35.18 -8.02
N TRP A 387 12.29 -35.27 -8.72
CA TRP A 387 12.68 -36.52 -9.35
C TRP A 387 14.18 -36.73 -9.20
N THR A 388 14.61 -37.96 -9.49
CA THR A 388 15.98 -38.42 -9.35
C THR A 388 16.61 -38.61 -10.72
N THR A 389 17.85 -39.06 -10.73
CA THR A 389 18.49 -39.54 -11.95
C THR A 389 19.85 -40.14 -11.68
N THR B 22 -14.31 -6.01 -13.52
CA THR B 22 -13.85 -4.77 -12.91
C THR B 22 -13.65 -4.93 -11.40
N LYS B 23 -12.45 -4.59 -10.92
CA LYS B 23 -12.17 -4.55 -9.48
C LYS B 23 -12.48 -3.16 -8.97
N VAL B 24 -13.36 -3.07 -7.98
CA VAL B 24 -13.83 -1.77 -7.50
C VAL B 24 -13.42 -1.61 -6.04
N PHE B 25 -12.81 -0.47 -5.72
CA PHE B 25 -12.42 -0.13 -4.37
C PHE B 25 -13.14 1.16 -3.96
N VAL B 26 -13.48 1.25 -2.67
CA VAL B 26 -14.29 2.35 -2.15
C VAL B 26 -13.78 2.75 -0.78
N TRP B 27 -14.01 4.01 -0.42
CA TRP B 27 -13.65 4.49 0.90
C TRP B 27 -14.36 5.81 1.17
N GLY B 28 -14.18 6.33 2.39
CA GLY B 28 -14.86 7.55 2.77
C GLY B 28 -16.03 7.31 3.71
N LEU B 29 -17.00 8.23 3.69
CA LEU B 29 -18.10 8.17 4.63
C LEU B 29 -19.03 7.01 4.32
N ASN B 30 -19.53 6.35 5.37
CA ASN B 30 -20.33 5.15 5.24
C ASN B 30 -21.53 5.16 6.18
N ASP B 31 -21.84 6.31 6.78
CA ASP B 31 -22.85 6.34 7.84
C ASP B 31 -24.21 5.87 7.33
N LYS B 32 -24.45 5.98 6.02
CA LYS B 32 -25.69 5.51 5.41
C LYS B 32 -25.45 4.31 4.50
N ASP B 33 -24.31 3.64 4.65
CA ASP B 33 -23.96 2.50 3.82
C ASP B 33 -23.92 2.87 2.34
N GLN B 34 -23.44 4.08 2.06
CA GLN B 34 -23.20 4.49 0.68
C GLN B 34 -22.06 3.69 0.04
N LEU B 35 -21.10 3.18 0.81
CA LEU B 35 -20.10 2.30 0.23
C LEU B 35 -20.66 0.92 -0.16
N GLY B 36 -21.90 0.60 0.21
CA GLY B 36 -22.53 -0.60 -0.30
C GLY B 36 -22.13 -1.92 0.33
N GLY B 37 -21.75 -1.92 1.60
CA GLY B 37 -21.63 -3.19 2.30
C GLY B 37 -20.34 -3.42 3.07
N LEU B 38 -19.83 -2.38 3.72
CA LEU B 38 -18.66 -2.47 4.58
C LEU B 38 -19.03 -2.09 6.01
N LYS B 39 -18.24 -2.54 6.96
CA LYS B 39 -18.49 -2.16 8.35
C LYS B 39 -17.71 -0.91 8.70
N GLY B 40 -18.29 -0.10 9.60
CA GLY B 40 -17.66 1.11 10.06
C GLY B 40 -18.20 2.33 9.36
N SER B 41 -18.36 3.42 10.10
CA SER B 41 -18.94 4.63 9.54
C SER B 41 -17.96 5.42 8.67
N LYS B 42 -16.66 5.29 8.91
CA LYS B 42 -15.63 5.93 8.10
C LYS B 42 -14.69 4.87 7.58
N ILE B 43 -14.51 4.80 6.27
CA ILE B 43 -13.51 3.94 5.65
C ILE B 43 -12.33 4.81 5.23
N LYS B 44 -11.21 4.68 5.95
CA LYS B 44 -10.06 5.54 5.72
C LYS B 44 -9.10 5.00 4.68
N VAL B 45 -9.24 3.72 4.33
CA VAL B 45 -8.31 3.09 3.40
C VAL B 45 -9.12 2.50 2.26
N PRO B 46 -8.63 2.56 1.03
CA PRO B 46 -9.36 1.94 -0.08
C PRO B 46 -9.65 0.48 0.25
N SER B 47 -10.85 0.05 -0.10
CA SER B 47 -11.34 -1.25 0.35
C SER B 47 -12.05 -1.94 -0.80
N PHE B 48 -11.71 -3.19 -1.03
CA PHE B 48 -12.35 -3.96 -2.08
C PHE B 48 -13.85 -4.09 -1.81
N SER B 49 -14.66 -3.69 -2.78
CA SER B 49 -16.11 -3.84 -2.71
C SER B 49 -16.50 -5.09 -3.47
N GLU B 50 -16.99 -6.10 -2.75
CA GLU B 50 -17.43 -7.32 -3.42
C GLU B 50 -18.72 -7.09 -4.19
N THR B 51 -19.68 -6.36 -3.61
CA THR B 51 -20.93 -6.10 -4.32
C THR B 51 -20.67 -5.40 -5.64
N LEU B 52 -20.06 -4.22 -5.59
CA LEU B 52 -19.85 -3.44 -6.82
C LEU B 52 -18.97 -4.20 -7.80
N SER B 53 -17.86 -4.77 -7.33
CA SER B 53 -16.98 -5.51 -8.23
C SER B 53 -17.72 -6.59 -8.98
N ALA B 54 -18.70 -7.24 -8.35
CA ALA B 54 -19.45 -8.30 -9.01
C ALA B 54 -20.33 -7.78 -10.14
N LEU B 55 -20.64 -6.47 -10.15
CA LEU B 55 -21.60 -5.93 -11.11
C LEU B 55 -21.05 -5.73 -12.52
N ASN B 56 -19.73 -5.71 -12.70
CA ASN B 56 -19.15 -5.42 -14.02
C ASN B 56 -19.41 -3.99 -14.44
N VAL B 57 -18.91 -3.05 -13.67
CA VAL B 57 -19.32 -1.66 -13.81
C VAL B 57 -18.55 -1.00 -14.94
N VAL B 58 -19.24 -0.16 -15.70
CA VAL B 58 -18.62 0.74 -16.67
C VAL B 58 -18.68 2.19 -16.22
N GLN B 59 -19.47 2.49 -15.19
CA GLN B 59 -19.58 3.85 -14.67
C GLN B 59 -20.02 3.77 -13.22
N VAL B 60 -19.43 4.64 -12.39
CA VAL B 60 -19.87 4.85 -11.01
C VAL B 60 -19.95 6.34 -10.77
N ALA B 61 -21.01 6.78 -10.09
CA ALA B 61 -21.18 8.19 -9.77
C ALA B 61 -21.66 8.33 -8.32
N GLY B 62 -21.20 9.36 -7.65
CA GLY B 62 -21.57 9.54 -6.26
C GLY B 62 -22.36 10.82 -6.02
N GLY B 63 -23.47 10.73 -5.29
CA GLY B 63 -24.22 11.90 -4.87
C GLY B 63 -24.10 12.15 -3.38
N SER B 64 -25.06 12.92 -2.86
CA SER B 64 -25.07 13.21 -1.43
C SER B 64 -25.35 11.92 -0.65
N LYS B 65 -24.31 11.34 -0.06
CA LYS B 65 -24.40 10.05 0.65
C LYS B 65 -25.07 8.98 -0.22
N SER B 66 -24.74 8.96 -1.50
CA SER B 66 -25.34 8.02 -2.42
C SER B 66 -24.29 7.52 -3.41
N LEU B 67 -24.59 6.37 -4.01
CA LEU B 67 -23.70 5.79 -5.00
C LEU B 67 -24.54 5.12 -6.07
N PHE B 68 -24.23 5.37 -7.34
CA PHE B 68 -24.89 4.74 -8.48
C PHE B 68 -23.84 4.03 -9.33
N ALA B 69 -24.20 2.85 -9.85
CA ALA B 69 -23.33 2.14 -10.79
C ALA B 69 -24.11 1.75 -12.03
N VAL B 70 -23.47 1.90 -13.20
CA VAL B 70 -24.00 1.43 -14.46
C VAL B 70 -23.14 0.25 -14.92
N THR B 71 -23.80 -0.82 -15.37
CA THR B 71 -23.13 -2.07 -15.70
C THR B 71 -22.94 -2.21 -17.20
N VAL B 72 -22.11 -3.21 -17.55
CA VAL B 72 -21.75 -3.46 -18.93
C VAL B 72 -22.95 -3.77 -19.80
N GLU B 73 -24.08 -4.20 -19.21
CA GLU B 73 -25.28 -4.41 -20.00
C GLU B 73 -26.36 -3.38 -19.72
N GLY B 74 -26.03 -2.27 -19.07
CA GLY B 74 -26.97 -1.18 -18.95
C GLY B 74 -27.88 -1.21 -17.75
N LYS B 75 -27.66 -2.11 -16.80
CA LYS B 75 -28.45 -2.04 -15.58
C LYS B 75 -27.89 -0.94 -14.68
N VAL B 76 -28.75 -0.41 -13.82
CA VAL B 76 -28.37 0.67 -12.92
C VAL B 76 -28.66 0.23 -11.49
N TYR B 77 -27.66 0.36 -10.62
CA TYR B 77 -27.76 0.00 -9.22
C TYR B 77 -27.46 1.22 -8.37
N ALA B 78 -28.22 1.37 -7.29
CA ALA B 78 -28.04 2.51 -6.38
C ALA B 78 -27.91 1.99 -4.97
N CYS B 79 -27.32 2.81 -4.11
CA CYS B 79 -27.28 2.46 -2.70
C CYS B 79 -26.93 3.69 -1.88
N GLY B 80 -27.24 3.62 -0.58
CA GLY B 80 -26.93 4.68 0.35
C GLY B 80 -28.18 5.28 0.94
N GLU B 81 -28.13 6.58 1.24
CA GLU B 81 -29.27 7.26 1.82
C GLU B 81 -30.38 7.39 0.79
N ALA B 82 -31.63 7.19 1.22
CA ALA B 82 -32.75 7.12 0.29
C ALA B 82 -33.69 8.30 0.37
N THR B 83 -33.39 9.29 1.21
CA THR B 83 -34.26 10.44 1.41
C THR B 83 -34.48 11.20 0.10
N ASN B 84 -35.69 11.75 -0.05
CA ASN B 84 -36.10 12.53 -1.22
C ASN B 84 -36.25 11.69 -2.47
N GLY B 85 -36.22 10.36 -2.36
CA GLY B 85 -36.26 9.53 -3.54
C GLY B 85 -34.98 9.54 -4.34
N ARG B 86 -33.87 9.96 -3.73
CA ARG B 86 -32.66 10.22 -4.49
C ARG B 86 -32.07 8.98 -5.14
N LEU B 87 -32.43 7.77 -4.70
CA LEU B 87 -31.86 6.56 -5.30
C LEU B 87 -32.70 6.05 -6.46
N GLY B 88 -33.95 6.50 -6.57
CA GLY B 88 -34.83 6.04 -7.62
C GLY B 88 -35.41 4.66 -7.43
N LEU B 89 -35.51 4.17 -6.20
CA LEU B 89 -35.97 2.81 -5.93
C LEU B 89 -37.44 2.74 -5.48
N GLY B 90 -38.20 3.81 -5.62
CA GLY B 90 -39.57 3.81 -5.16
C GLY B 90 -39.74 4.01 -3.67
N ILE B 91 -38.77 4.64 -3.02
CA ILE B 91 -38.88 4.98 -1.60
C ILE B 91 -38.38 6.41 -1.41
N SER B 92 -38.72 6.97 -0.24
CA SER B 92 -38.34 8.32 0.11
C SER B 92 -37.69 8.45 1.49
N SER B 93 -37.44 7.35 2.20
CA SER B 93 -36.77 7.41 3.49
C SER B 93 -35.93 6.15 3.68
N GLY B 94 -34.94 6.26 4.56
CA GLY B 94 -34.15 5.13 4.98
C GLY B 94 -32.78 5.04 4.35
N THR B 95 -32.27 3.83 4.24
CA THR B 95 -31.01 3.57 3.54
C THR B 95 -31.12 2.23 2.82
N VAL B 96 -30.38 2.12 1.72
CA VAL B 96 -30.21 0.88 0.97
C VAL B 96 -28.74 0.47 1.11
N PRO B 97 -28.42 -0.54 1.94
CA PRO B 97 -27.02 -0.79 2.27
C PRO B 97 -26.24 -1.66 1.30
N ILE B 98 -26.86 -2.23 0.27
CA ILE B 98 -26.09 -2.83 -0.81
C ILE B 98 -26.63 -2.31 -2.14
N PRO B 99 -25.80 -2.33 -3.19
CA PRO B 99 -26.26 -1.85 -4.50
C PRO B 99 -27.50 -2.63 -4.95
N ARG B 100 -28.55 -1.89 -5.27
CA ARG B 100 -29.84 -2.46 -5.59
C ARG B 100 -30.25 -2.01 -6.98
N GLN B 101 -30.75 -2.94 -7.79
CA GLN B 101 -31.06 -2.56 -9.15
C GLN B 101 -32.22 -1.56 -9.16
N ILE B 102 -32.11 -0.58 -10.05
CA ILE B 102 -33.23 0.35 -10.30
C ILE B 102 -34.08 -0.33 -11.38
N THR B 103 -34.95 -1.24 -10.94
CA THR B 103 -35.67 -2.08 -11.89
C THR B 103 -36.59 -1.27 -12.80
N ALA B 104 -36.95 -0.05 -12.39
CA ALA B 104 -37.81 0.79 -13.24
C ALA B 104 -37.16 1.07 -14.58
N LEU B 105 -35.84 1.14 -14.65
CA LEU B 105 -35.12 1.38 -15.89
C LEU B 105 -34.71 0.09 -16.60
N SER B 106 -35.14 -1.06 -16.09
CA SER B 106 -34.56 -2.31 -16.58
C SER B 106 -35.00 -2.66 -18.00
N SER B 107 -35.96 -1.95 -18.58
CA SER B 107 -36.26 -2.17 -20.00
C SER B 107 -35.30 -1.43 -20.92
N TYR B 108 -34.42 -0.59 -20.39
CA TYR B 108 -33.54 0.25 -21.19
C TYR B 108 -32.08 -0.12 -20.94
N VAL B 109 -31.24 0.20 -21.92
CA VAL B 109 -29.80 0.04 -21.81
C VAL B 109 -29.21 1.40 -21.41
N VAL B 110 -28.89 1.56 -20.12
CA VAL B 110 -28.38 2.83 -19.64
C VAL B 110 -26.88 2.89 -19.88
N LYS B 111 -26.41 4.03 -20.40
CA LYS B 111 -24.96 4.21 -20.53
C LYS B 111 -24.37 5.17 -19.50
N LYS B 112 -25.17 6.07 -18.91
CA LYS B 112 -24.59 6.95 -17.92
C LYS B 112 -25.64 7.45 -16.95
N VAL B 113 -25.22 7.65 -15.69
CA VAL B 113 -26.01 8.29 -14.65
C VAL B 113 -25.28 9.56 -14.23
N ALA B 114 -26.00 10.67 -14.21
CA ALA B 114 -25.46 11.97 -13.83
C ALA B 114 -26.02 12.39 -12.47
N VAL B 115 -25.12 12.80 -11.58
CA VAL B 115 -25.49 13.22 -10.24
C VAL B 115 -24.37 14.12 -9.74
N HIS B 116 -24.72 15.10 -8.92
CA HIS B 116 -23.70 15.97 -8.34
C HIS B 116 -23.29 15.41 -6.97
N SER B 117 -22.01 15.64 -6.60
CA SER B 117 -21.48 15.09 -5.37
C SER B 117 -22.32 15.51 -4.16
N GLY B 118 -22.97 16.68 -4.22
CA GLY B 118 -23.90 17.06 -3.18
C GLY B 118 -25.33 17.12 -3.67
N GLY B 119 -25.67 16.33 -4.70
CA GLY B 119 -27.02 16.32 -5.22
C GLY B 119 -27.93 15.28 -4.57
N ARG B 120 -29.24 15.52 -4.71
CA ARG B 120 -30.32 14.66 -4.22
C ARG B 120 -31.24 14.26 -5.37
N HIS B 121 -30.78 14.42 -6.60
CA HIS B 121 -31.51 13.98 -7.78
C HIS B 121 -30.47 13.63 -8.83
N ALA B 122 -30.89 12.88 -9.84
CA ALA B 122 -29.97 12.31 -10.81
C ALA B 122 -30.71 12.04 -12.10
N THR B 123 -29.94 11.87 -13.18
CA THR B 123 -30.52 11.49 -14.46
C THR B 123 -29.78 10.31 -15.04
N ALA B 124 -30.50 9.52 -15.82
CA ALA B 124 -29.94 8.38 -16.52
C ALA B 124 -30.11 8.62 -18.01
N LEU B 125 -29.04 8.43 -18.75
CA LEU B 125 -29.06 8.51 -20.21
C LEU B 125 -29.02 7.10 -20.78
N THR B 126 -29.95 6.77 -21.69
CA THR B 126 -29.90 5.48 -22.36
C THR B 126 -29.05 5.56 -23.62
N VAL B 127 -28.72 4.39 -24.18
CA VAL B 127 -27.83 4.39 -25.34
C VAL B 127 -28.51 4.98 -26.57
N ASP B 128 -29.84 4.96 -26.66
CA ASP B 128 -30.52 5.56 -27.80
C ASP B 128 -30.92 7.01 -27.54
N GLY B 129 -30.38 7.65 -26.49
CA GLY B 129 -30.52 9.07 -26.29
C GLY B 129 -31.64 9.54 -25.39
N LYS B 130 -32.28 8.64 -24.64
CA LYS B 130 -33.36 9.01 -23.75
C LYS B 130 -32.82 9.31 -22.36
N VAL B 131 -33.44 10.27 -21.68
CA VAL B 131 -33.05 10.72 -20.35
C VAL B 131 -34.23 10.55 -19.41
N PHE B 132 -33.99 9.88 -18.29
CA PHE B 132 -34.92 9.79 -17.18
C PHE B 132 -34.35 10.58 -16.02
N SER B 133 -35.22 11.06 -15.12
CA SER B 133 -34.79 11.77 -13.93
C SER B 133 -35.60 11.28 -12.74
N TRP B 134 -35.10 11.58 -11.54
CA TRP B 134 -35.77 11.14 -10.32
C TRP B 134 -35.10 11.84 -9.15
N GLY B 135 -35.75 11.77 -8.00
CA GLY B 135 -35.25 12.36 -6.78
C GLY B 135 -35.95 13.64 -6.39
N GLU B 136 -35.22 14.54 -5.74
CA GLU B 136 -35.78 15.80 -5.28
C GLU B 136 -36.23 16.65 -6.46
N GLY B 137 -37.44 17.19 -6.35
CA GLY B 137 -38.04 17.89 -7.46
C GLY B 137 -37.99 19.40 -7.39
N ASP B 138 -37.49 19.97 -6.28
CA ASP B 138 -37.48 21.41 -6.11
C ASP B 138 -36.95 22.12 -7.36
N ASP B 139 -37.51 23.30 -7.62
CA ASP B 139 -37.02 24.21 -8.64
C ASP B 139 -37.04 23.61 -10.04
N GLY B 140 -37.83 22.55 -10.25
CA GLY B 140 -37.98 21.95 -11.56
C GLY B 140 -36.73 21.28 -12.13
N LYS B 141 -35.76 20.88 -11.29
CA LYS B 141 -34.56 20.26 -11.84
C LYS B 141 -34.82 18.88 -12.44
N LEU B 142 -35.89 18.19 -12.05
CA LEU B 142 -36.27 16.96 -12.73
C LEU B 142 -36.73 17.18 -14.17
N GLY B 143 -37.14 18.41 -14.52
CA GLY B 143 -37.49 18.74 -15.89
C GLY B 143 -38.86 18.30 -16.39
N HIS B 144 -39.83 18.03 -15.50
CA HIS B 144 -41.16 17.59 -15.92
C HIS B 144 -42.22 18.67 -15.76
N PHE B 145 -41.85 19.94 -15.92
CA PHE B 145 -42.81 21.03 -15.74
C PHE B 145 -43.41 21.03 -14.34
N SER B 146 -42.62 20.65 -13.33
CA SER B 146 -43.16 20.55 -11.98
C SER B 146 -42.05 20.72 -10.97
N ARG B 147 -42.45 20.92 -9.71
CA ARG B 147 -41.52 20.95 -8.59
C ARG B 147 -41.70 19.73 -7.68
N MET B 148 -42.36 18.70 -8.15
CA MET B 148 -42.67 17.54 -7.32
C MET B 148 -41.55 16.50 -7.41
N ASN B 149 -41.32 15.81 -6.29
CA ASN B 149 -40.34 14.73 -6.26
C ASN B 149 -40.83 13.53 -7.05
N CYS B 150 -39.87 12.77 -7.57
CA CYS B 150 -40.11 11.51 -8.27
C CYS B 150 -39.28 10.43 -7.59
N ASP B 151 -39.92 9.62 -6.74
CA ASP B 151 -39.21 8.53 -6.09
C ASP B 151 -38.70 7.48 -7.08
N LYS B 152 -39.25 7.44 -8.30
CA LYS B 152 -38.83 6.52 -9.35
C LYS B 152 -38.41 7.30 -10.59
N PRO B 153 -37.60 6.70 -11.45
CA PRO B 153 -37.21 7.41 -12.67
C PRO B 153 -38.41 7.73 -13.53
N ARG B 154 -38.31 8.82 -14.29
CA ARG B 154 -39.38 9.24 -15.17
C ARG B 154 -38.77 9.85 -16.42
N LEU B 155 -39.29 9.45 -17.57
CA LEU B 155 -38.81 9.99 -18.84
C LEU B 155 -39.00 11.49 -18.87
N ILE B 156 -37.94 12.23 -19.22
CA ILE B 156 -38.10 13.65 -19.50
C ILE B 156 -38.68 13.76 -20.92
N GLU B 157 -40.00 13.96 -21.01
CA GLU B 157 -40.65 13.98 -22.31
C GLU B 157 -40.27 15.21 -23.12
N ALA B 158 -39.79 16.27 -22.49
CA ALA B 158 -39.46 17.48 -23.25
C ALA B 158 -38.28 17.25 -24.18
N LEU B 159 -37.46 16.23 -23.91
CA LEU B 159 -36.29 15.90 -24.73
C LEU B 159 -36.51 14.69 -25.63
N LYS B 160 -37.72 14.11 -25.64
CA LYS B 160 -37.96 12.90 -26.43
C LYS B 160 -37.54 13.11 -27.87
N THR B 161 -37.65 14.34 -28.38
CA THR B 161 -37.32 14.66 -29.76
C THR B 161 -35.82 14.81 -30.01
N LYS B 162 -35.01 14.99 -28.97
CA LYS B 162 -33.58 15.23 -29.12
C LYS B 162 -32.82 13.94 -28.86
N ARG B 163 -31.74 13.72 -29.62
CA ARG B 163 -30.82 12.61 -29.37
C ARG B 163 -29.76 13.09 -28.41
N ILE B 164 -30.02 12.91 -27.11
CA ILE B 164 -29.08 13.35 -26.09
C ILE B 164 -27.88 12.41 -26.05
N ARG B 165 -26.68 12.99 -25.90
CA ARG B 165 -25.48 12.17 -25.81
C ARG B 165 -24.70 12.34 -24.51
N ASP B 166 -25.00 13.34 -23.68
CA ASP B 166 -24.35 13.49 -22.38
C ASP B 166 -25.25 14.27 -21.43
N ILE B 167 -25.02 14.05 -20.13
CA ILE B 167 -25.85 14.65 -19.09
C ILE B 167 -24.99 15.06 -17.90
N ALA B 168 -25.52 16.01 -17.12
CA ALA B 168 -24.90 16.42 -15.87
C ALA B 168 -25.99 16.96 -14.96
N CYS B 169 -25.77 16.89 -13.64
CA CYS B 169 -26.70 17.44 -12.66
C CYS B 169 -25.94 18.16 -11.56
N GLY B 170 -26.46 19.32 -11.18
CA GLY B 170 -26.06 19.99 -9.96
C GLY B 170 -26.96 19.57 -8.81
N SER B 171 -26.87 20.33 -7.72
CA SER B 171 -27.81 20.12 -6.64
C SER B 171 -29.13 20.82 -6.89
N SER B 172 -29.17 21.79 -7.83
CA SER B 172 -30.34 22.60 -8.07
C SER B 172 -30.74 22.70 -9.52
N HIS B 173 -29.88 22.30 -10.47
CA HIS B 173 -30.25 22.33 -11.88
C HIS B 173 -29.60 21.15 -12.60
N SER B 174 -30.03 20.97 -13.85
CA SER B 174 -29.64 19.82 -14.67
C SER B 174 -29.29 20.33 -16.06
N ALA B 175 -28.63 19.46 -16.84
CA ALA B 175 -28.26 19.85 -18.20
C ALA B 175 -28.20 18.61 -19.10
N ALA B 176 -28.43 18.81 -20.39
CA ALA B 176 -28.32 17.73 -21.34
C ALA B 176 -27.86 18.30 -22.67
N LEU B 177 -27.07 17.53 -23.39
CA LEU B 177 -26.57 18.00 -24.67
C LEU B 177 -26.82 16.95 -25.74
N THR B 178 -27.19 17.43 -26.93
CA THR B 178 -27.58 16.61 -28.05
C THR B 178 -26.33 16.17 -28.83
N SER B 179 -26.55 15.27 -29.80
CA SER B 179 -25.45 14.85 -30.67
C SER B 179 -24.95 15.99 -31.54
N SER B 180 -25.86 16.88 -31.94
CA SER B 180 -25.47 18.06 -32.69
C SER B 180 -24.74 19.09 -31.84
N GLY B 181 -24.60 18.86 -30.53
CA GLY B 181 -23.91 19.79 -29.68
C GLY B 181 -24.76 20.93 -29.13
N GLU B 182 -26.07 20.81 -29.18
CA GLU B 182 -26.94 21.77 -28.52
C GLU B 182 -26.98 21.46 -27.03
N LEU B 183 -27.05 22.50 -26.21
CA LEU B 183 -27.06 22.36 -24.76
C LEU B 183 -28.40 22.80 -24.19
N TYR B 184 -28.98 21.95 -23.33
CA TYR B 184 -30.23 22.26 -22.62
C TYR B 184 -29.98 22.33 -21.13
N THR B 185 -30.56 23.33 -20.48
CA THR B 185 -30.48 23.45 -19.03
C THR B 185 -31.88 23.61 -18.45
N TRP B 186 -32.00 23.36 -17.16
CA TRP B 186 -33.27 23.54 -16.47
C TRP B 186 -33.03 23.40 -14.98
N GLY B 187 -33.98 23.90 -14.19
CA GLY B 187 -33.85 23.93 -12.76
C GLY B 187 -33.87 25.35 -12.22
N LEU B 188 -33.26 25.52 -11.04
CA LEU B 188 -33.19 26.83 -10.41
C LEU B 188 -32.47 27.84 -11.30
N GLY B 189 -33.05 29.03 -11.43
CA GLY B 189 -32.50 30.05 -12.30
C GLY B 189 -31.56 31.01 -11.58
N GLU B 190 -31.68 31.02 -10.25
CA GLU B 190 -31.00 31.99 -9.42
C GLU B 190 -29.52 32.07 -9.75
N TYR B 191 -28.98 33.30 -9.71
CA TYR B 191 -27.57 33.60 -9.97
C TYR B 191 -27.13 33.17 -11.37
N GLY B 192 -28.07 32.93 -12.28
CA GLY B 192 -27.77 32.77 -13.69
C GLY B 192 -27.25 31.42 -14.13
N ARG B 193 -27.28 30.39 -13.26
CA ARG B 193 -26.64 29.11 -13.56
C ARG B 193 -27.18 28.44 -14.82
N LEU B 194 -28.41 28.76 -15.24
CA LEU B 194 -28.96 28.14 -16.44
C LEU B 194 -28.38 28.74 -17.73
N GLY B 195 -27.91 29.99 -17.68
CA GLY B 195 -27.30 30.62 -18.84
C GLY B 195 -28.25 31.20 -19.87
N HIS B 196 -29.50 31.45 -19.53
CA HIS B 196 -30.45 31.93 -20.54
C HIS B 196 -30.60 33.44 -20.55
N GLY B 197 -29.73 34.16 -19.85
CA GLY B 197 -29.77 35.62 -19.86
C GLY B 197 -30.58 36.23 -18.75
N ASP B 198 -30.98 35.44 -17.75
CA ASP B 198 -31.75 35.94 -16.61
C ASP B 198 -31.66 34.91 -15.48
N ASN B 199 -32.41 35.16 -14.40
CA ASN B 199 -32.41 34.32 -13.22
C ASN B 199 -33.68 33.48 -13.11
N THR B 200 -34.42 33.37 -14.20
CA THR B 200 -35.71 32.71 -14.18
C THR B 200 -35.54 31.20 -14.08
N THR B 201 -36.26 30.58 -13.15
CA THR B 201 -36.26 29.13 -13.03
C THR B 201 -36.96 28.50 -14.22
N GLN B 202 -36.41 27.40 -14.72
CA GLN B 202 -36.94 26.67 -15.86
C GLN B 202 -37.38 25.29 -15.40
N LEU B 203 -38.69 25.06 -15.38
CA LEU B 203 -39.22 23.76 -14.96
C LEU B 203 -39.13 22.72 -16.07
N LYS B 204 -38.49 23.05 -17.19
CA LYS B 204 -38.61 22.47 -18.51
C LYS B 204 -37.24 22.64 -19.14
N PRO B 205 -36.65 21.60 -19.72
CA PRO B 205 -35.37 21.78 -20.42
C PRO B 205 -35.45 22.89 -21.46
N LYS B 206 -34.47 23.80 -21.43
CA LYS B 206 -34.43 24.96 -22.31
C LYS B 206 -33.06 25.07 -22.97
N MET B 207 -33.05 25.42 -24.26
CA MET B 207 -31.81 25.43 -25.01
C MET B 207 -31.00 26.68 -24.68
N VAL B 208 -29.70 26.52 -24.47
CA VAL B 208 -28.82 27.68 -24.26
C VAL B 208 -28.54 28.28 -25.65
N LYS B 209 -29.29 29.32 -26.01
CA LYS B 209 -29.18 29.88 -27.36
C LYS B 209 -27.82 30.54 -27.58
N VAL B 210 -27.20 31.09 -26.54
CA VAL B 210 -25.92 31.76 -26.74
C VAL B 210 -24.88 30.82 -27.34
N LEU B 211 -24.96 29.51 -27.06
CA LEU B 211 -23.92 28.57 -27.51
C LEU B 211 -24.20 27.95 -28.88
N LEU B 212 -25.32 28.27 -29.53
CA LEU B 212 -25.54 27.74 -30.87
C LEU B 212 -24.38 28.15 -31.78
N GLY B 213 -23.97 27.22 -32.63
CA GLY B 213 -22.76 27.39 -33.41
C GLY B 213 -21.55 26.68 -32.82
N HIS B 214 -21.57 26.38 -31.53
CA HIS B 214 -20.55 25.56 -30.88
C HIS B 214 -21.11 24.16 -30.68
N ARG B 215 -20.35 23.14 -31.08
N ARG B 215 -20.33 23.15 -31.03
CA ARG B 215 -20.73 21.77 -30.73
CA ARG B 215 -20.69 21.76 -30.74
C ARG B 215 -20.24 21.52 -29.32
C ARG B 215 -20.24 21.45 -29.32
N VAL B 216 -21.15 21.64 -28.36
CA VAL B 216 -20.85 21.40 -26.95
C VAL B 216 -20.80 19.90 -26.69
N ILE B 217 -19.66 19.41 -26.19
CA ILE B 217 -19.47 17.98 -25.98
C ILE B 217 -19.51 17.57 -24.51
N GLN B 218 -19.31 18.50 -23.56
CA GLN B 218 -19.38 18.16 -22.15
C GLN B 218 -19.97 19.32 -21.36
N VAL B 219 -20.62 19.01 -20.25
CA VAL B 219 -21.19 20.01 -19.37
C VAL B 219 -21.06 19.52 -17.94
N ALA B 220 -20.85 20.46 -17.01
CA ALA B 220 -20.73 20.15 -15.59
C ALA B 220 -21.50 21.20 -14.82
N CYS B 221 -22.13 20.78 -13.72
CA CYS B 221 -22.99 21.66 -12.95
C CYS B 221 -22.53 21.70 -11.49
N GLY B 222 -22.61 22.87 -10.87
CA GLY B 222 -22.18 23.06 -9.50
C GLY B 222 -23.32 22.85 -8.51
N SER B 223 -23.04 23.18 -7.26
CA SER B 223 -24.02 23.01 -6.19
C SER B 223 -24.26 24.35 -5.51
N ARG B 224 -25.35 24.40 -4.71
CA ARG B 224 -25.66 25.57 -3.89
C ARG B 224 -25.74 26.84 -4.74
N ASP B 225 -24.93 27.85 -4.45
CA ASP B 225 -24.81 29.01 -5.36
C ASP B 225 -23.83 28.59 -6.44
N ALA B 226 -24.34 28.19 -7.59
CA ALA B 226 -23.62 27.25 -8.43
C ALA B 226 -23.19 27.88 -9.73
N GLN B 227 -22.07 27.40 -10.25
CA GLN B 227 -21.60 27.66 -11.59
C GLN B 227 -22.06 26.55 -12.53
N THR B 228 -21.97 26.83 -13.83
CA THR B 228 -22.06 25.82 -14.86
C THR B 228 -20.83 25.93 -15.74
N LEU B 229 -20.31 24.79 -16.19
CA LEU B 229 -19.24 24.75 -17.18
C LEU B 229 -19.68 23.96 -18.39
N ALA B 230 -19.18 24.37 -19.57
CA ALA B 230 -19.42 23.64 -20.82
C ALA B 230 -18.14 23.55 -21.63
N LEU B 231 -17.97 22.41 -22.31
CA LEU B 231 -16.81 22.14 -23.16
C LEU B 231 -17.27 21.98 -24.60
N THR B 232 -16.52 22.55 -25.56
CA THR B 232 -16.84 22.41 -26.97
C THR B 232 -15.84 21.45 -27.61
N ASP B 233 -16.22 20.92 -28.78
CA ASP B 233 -15.30 19.98 -29.41
C ASP B 233 -14.04 20.64 -29.95
N GLU B 234 -13.91 21.95 -29.82
CA GLU B 234 -12.69 22.66 -30.19
C GLU B 234 -11.85 23.02 -28.98
N GLY B 235 -12.21 22.55 -27.81
CA GLY B 235 -11.43 22.83 -26.63
C GLY B 235 -11.75 24.11 -25.92
N LEU B 236 -12.82 24.80 -26.30
CA LEU B 236 -13.23 26.00 -25.58
C LEU B 236 -14.00 25.63 -24.31
N VAL B 237 -13.69 26.32 -23.22
CA VAL B 237 -14.44 26.15 -21.98
C VAL B 237 -15.24 27.41 -21.69
N PHE B 238 -16.51 27.22 -21.32
CA PHE B 238 -17.40 28.31 -21.01
C PHE B 238 -17.91 28.16 -19.58
N SER B 239 -18.05 29.28 -18.87
CA SER B 239 -18.61 29.25 -17.52
C SER B 239 -19.71 30.29 -17.40
N TRP B 240 -20.58 30.07 -16.41
CA TRP B 240 -21.64 31.02 -16.11
C TRP B 240 -22.32 30.57 -14.84
N GLY B 241 -23.16 31.44 -14.29
CA GLY B 241 -23.77 31.20 -13.00
C GLY B 241 -23.16 32.02 -11.89
N ASP B 242 -23.13 31.47 -10.68
CA ASP B 242 -22.65 32.25 -9.54
C ASP B 242 -21.13 32.42 -9.58
N GLY B 243 -20.68 33.61 -9.20
CA GLY B 243 -19.27 33.94 -9.32
C GLY B 243 -18.47 34.00 -8.03
N ASP B 244 -19.09 33.79 -6.88
CA ASP B 244 -18.35 33.77 -5.62
C ASP B 244 -17.10 32.90 -5.72
N PHE B 245 -16.04 33.35 -5.04
CA PHE B 245 -14.74 32.68 -4.91
C PHE B 245 -14.07 32.42 -6.25
N GLY B 246 -14.56 33.00 -7.34
CA GLY B 246 -13.89 32.87 -8.61
C GLY B 246 -14.06 31.56 -9.33
N LYS B 247 -15.13 30.80 -9.05
CA LYS B 247 -15.27 29.50 -9.68
C LYS B 247 -15.67 29.59 -11.15
N LEU B 248 -16.06 30.77 -11.63
CA LEU B 248 -16.24 30.98 -13.06
C LEU B 248 -14.91 31.11 -13.80
N GLY B 249 -13.80 31.31 -13.08
CA GLY B 249 -12.50 31.26 -13.70
C GLY B 249 -12.09 32.50 -14.48
N ARG B 250 -12.76 33.63 -14.28
CA ARG B 250 -12.37 34.83 -15.00
C ARG B 250 -11.99 35.98 -14.07
N GLY B 251 -11.60 35.68 -12.83
CA GLY B 251 -11.20 36.70 -11.88
C GLY B 251 -12.39 37.23 -11.07
N GLY B 252 -12.07 37.86 -9.94
CA GLY B 252 -13.12 38.52 -9.18
C GLY B 252 -14.18 37.58 -8.65
N SER B 253 -15.40 38.11 -8.50
CA SER B 253 -16.52 37.33 -7.97
C SER B 253 -17.85 37.64 -8.65
N GLU B 254 -17.84 38.29 -9.81
CA GLU B 254 -19.10 38.61 -10.48
C GLU B 254 -19.69 37.38 -11.12
N GLY B 255 -21.02 37.25 -11.05
CA GLY B 255 -21.72 36.19 -11.73
C GLY B 255 -22.09 36.58 -13.14
N CYS B 256 -22.73 35.68 -13.86
CA CYS B 256 -23.31 36.09 -15.13
C CYS B 256 -24.35 35.09 -15.60
N ASN B 257 -25.35 35.61 -16.32
CA ASN B 257 -26.46 34.88 -16.93
C ASN B 257 -26.10 34.21 -18.23
N ILE B 258 -24.90 34.45 -18.74
CA ILE B 258 -24.57 34.15 -20.12
C ILE B 258 -23.27 33.37 -20.14
N PRO B 259 -23.17 32.25 -20.85
CA PRO B 259 -21.88 31.57 -21.01
C PRO B 259 -20.79 32.54 -21.46
N GLN B 260 -19.65 32.50 -20.79
CA GLN B 260 -18.46 33.24 -21.19
C GLN B 260 -17.28 32.29 -21.34
N ASN B 261 -16.44 32.58 -22.32
CA ASN B 261 -15.22 31.81 -22.53
C ASN B 261 -14.29 32.02 -21.35
N ILE B 262 -13.78 30.91 -20.80
CA ILE B 262 -12.70 30.95 -19.82
C ILE B 262 -11.41 31.03 -20.62
N GLU B 263 -10.91 32.27 -20.82
CA GLU B 263 -9.88 32.50 -21.81
C GLU B 263 -8.61 31.75 -21.46
N ARG B 264 -8.29 31.63 -20.17
CA ARG B 264 -7.03 31.05 -19.81
C ARG B 264 -6.90 29.61 -20.26
N LEU B 265 -8.01 28.93 -20.55
CA LEU B 265 -7.92 27.53 -20.96
C LEU B 265 -7.92 27.36 -22.47
N ASN B 266 -8.13 28.45 -23.21
CA ASN B 266 -8.02 28.37 -24.67
C ASN B 266 -6.67 27.82 -25.06
N GLY B 267 -6.67 26.92 -26.04
CA GLY B 267 -5.44 26.34 -26.52
C GLY B 267 -4.85 25.24 -25.65
N GLN B 268 -5.41 24.97 -24.48
CA GLN B 268 -4.83 24.00 -23.54
C GLN B 268 -5.32 22.57 -23.75
N GLY B 269 -6.31 22.35 -24.61
CA GLY B 269 -6.71 20.99 -24.93
C GLY B 269 -7.52 20.30 -23.87
N VAL B 270 -8.33 21.06 -23.12
CA VAL B 270 -9.17 20.47 -22.10
C VAL B 270 -10.06 19.38 -22.69
N CYS B 271 -10.14 18.24 -22.00
CA CYS B 271 -11.03 17.13 -22.39
C CYS B 271 -11.99 16.68 -21.30
N GLN B 272 -11.90 17.18 -20.08
CA GLN B 272 -12.84 16.79 -19.03
C GLN B 272 -13.05 17.99 -18.11
N ILE B 273 -14.33 18.31 -17.81
CA ILE B 273 -14.69 19.37 -16.86
C ILE B 273 -15.50 18.76 -15.71
N GLU B 274 -15.28 19.29 -14.50
CA GLU B 274 -16.03 18.85 -13.32
C GLU B 274 -16.29 20.06 -12.43
N CYS B 275 -17.34 19.98 -11.62
CA CYS B 275 -17.64 20.97 -10.58
C CYS B 275 -17.83 20.27 -9.25
N GLY B 276 -17.07 20.68 -8.24
CA GLY B 276 -17.29 20.26 -6.86
C GLY B 276 -18.20 21.24 -6.13
N ALA B 277 -18.03 21.33 -4.81
CA ALA B 277 -18.72 22.38 -4.06
C ALA B 277 -17.89 23.66 -4.13
N GLN B 278 -18.37 24.62 -4.93
CA GLN B 278 -17.80 25.97 -5.04
C GLN B 278 -16.45 25.97 -5.75
N PHE B 279 -16.13 24.95 -6.55
CA PHE B 279 -14.88 24.97 -7.30
C PHE B 279 -15.02 24.15 -8.59
N SER B 280 -14.05 24.35 -9.49
CA SER B 280 -14.10 23.80 -10.84
C SER B 280 -12.78 23.10 -11.13
N LEU B 281 -12.84 22.08 -12.00
CA LEU B 281 -11.65 21.33 -12.36
C LEU B 281 -11.67 21.00 -13.84
N ALA B 282 -10.50 21.04 -14.48
CA ALA B 282 -10.36 20.66 -15.88
C ALA B 282 -9.16 19.75 -16.04
N LEU B 283 -9.24 18.83 -16.99
CA LEU B 283 -8.15 17.92 -17.30
C LEU B 283 -7.88 18.02 -18.79
N THR B 284 -6.61 18.12 -19.18
CA THR B 284 -6.27 18.27 -20.59
C THR B 284 -5.90 16.92 -21.20
N LYS B 285 -5.88 16.89 -22.54
CA LYS B 285 -5.50 15.66 -23.23
C LYS B 285 -4.08 15.24 -22.87
N SER B 286 -3.24 16.17 -22.47
CA SER B 286 -1.85 15.85 -22.22
C SER B 286 -1.58 15.49 -20.78
N GLY B 287 -2.60 15.56 -19.92
CA GLY B 287 -2.50 15.09 -18.56
C GLY B 287 -2.44 16.15 -17.49
N VAL B 288 -2.67 17.42 -17.84
CA VAL B 288 -2.54 18.51 -16.88
C VAL B 288 -3.88 18.74 -16.21
N VAL B 289 -3.85 19.00 -14.92
CA VAL B 289 -5.06 19.29 -14.15
C VAL B 289 -5.05 20.76 -13.78
N TRP B 290 -6.19 21.43 -13.96
CA TRP B 290 -6.37 22.81 -13.55
C TRP B 290 -7.52 22.89 -12.55
N THR B 291 -7.37 23.67 -11.51
CA THR B 291 -8.47 23.94 -10.60
C THR B 291 -8.57 25.43 -10.30
N TRP B 292 -9.78 25.87 -9.97
CA TRP B 292 -9.99 27.24 -9.52
C TRP B 292 -11.29 27.25 -8.71
N GLY B 293 -11.43 28.26 -7.86
CA GLY B 293 -12.62 28.45 -7.05
C GLY B 293 -12.28 28.56 -5.56
N LYS B 294 -13.22 28.12 -4.73
CA LYS B 294 -13.08 28.24 -3.29
C LYS B 294 -11.94 27.36 -2.77
N GLY B 295 -11.12 27.91 -1.87
CA GLY B 295 -9.89 27.26 -1.50
C GLY B 295 -9.93 26.53 -0.17
N ASP B 296 -10.89 26.90 0.68
CA ASP B 296 -10.97 26.33 2.01
C ASP B 296 -10.86 24.81 1.96
N TYR B 297 -10.26 24.24 3.01
CA TYR B 297 -10.07 22.79 3.14
C TYR B 297 -9.29 22.19 1.98
N PHE B 298 -8.55 23.00 1.21
CA PHE B 298 -7.56 22.49 0.26
C PHE B 298 -8.20 21.70 -0.87
N ARG B 299 -9.44 22.03 -1.21
CA ARG B 299 -10.09 21.33 -2.32
C ARG B 299 -9.44 21.63 -3.65
N LEU B 300 -8.54 22.61 -3.74
CA LEU B 300 -7.98 22.99 -5.02
C LEU B 300 -6.65 22.30 -5.33
N GLY B 301 -5.98 21.73 -4.34
CA GLY B 301 -4.75 20.99 -4.57
C GLY B 301 -3.46 21.80 -4.58
N HIS B 302 -3.51 23.09 -4.30
CA HIS B 302 -2.37 23.97 -4.49
C HIS B 302 -1.52 24.15 -3.24
N GLY B 303 -1.66 23.27 -2.25
CA GLY B 303 -0.80 23.32 -1.07
C GLY B 303 -1.19 24.31 -0.01
N SER B 304 -2.04 25.28 -0.32
CA SER B 304 -2.55 26.23 0.67
C SER B 304 -4.03 26.42 0.36
N ASP B 305 -4.73 27.18 1.19
CA ASP B 305 -6.18 27.20 1.10
C ASP B 305 -6.73 28.57 0.69
N VAL B 306 -5.93 29.35 -0.04
CA VAL B 306 -6.42 30.59 -0.63
C VAL B 306 -7.29 30.29 -1.85
N HIS B 307 -8.16 31.24 -2.19
CA HIS B 307 -8.96 31.09 -3.39
C HIS B 307 -8.12 31.31 -4.65
N VAL B 308 -8.60 30.73 -5.75
CA VAL B 308 -7.92 30.81 -7.05
C VAL B 308 -8.98 31.23 -8.05
N ARG B 309 -8.85 32.44 -8.60
CA ARG B 309 -9.93 33.01 -9.37
C ARG B 309 -9.74 32.93 -10.89
N LYS B 310 -8.63 32.36 -11.34
CA LYS B 310 -8.47 31.94 -12.73
C LYS B 310 -7.78 30.59 -12.70
N PRO B 311 -8.05 29.71 -13.66
CA PRO B 311 -7.51 28.35 -13.60
C PRO B 311 -6.00 28.34 -13.36
N GLN B 312 -5.57 27.44 -12.48
CA GLN B 312 -4.16 27.22 -12.27
C GLN B 312 -3.86 25.72 -12.28
N VAL B 313 -2.73 25.38 -12.92
CA VAL B 313 -2.25 24.00 -12.94
C VAL B 313 -1.98 23.56 -11.51
N VAL B 314 -2.52 22.40 -11.14
CA VAL B 314 -2.18 21.71 -9.91
C VAL B 314 -0.74 21.23 -10.06
N GLU B 315 0.22 22.05 -9.63
CA GLU B 315 1.62 21.79 -9.94
C GLU B 315 2.15 20.54 -9.26
N GLY B 316 1.46 20.03 -8.23
CA GLY B 316 1.86 18.78 -7.61
C GLY B 316 1.76 17.56 -8.51
N LEU B 317 1.09 17.67 -9.65
CA LEU B 317 0.96 16.56 -10.58
C LEU B 317 1.77 16.77 -11.85
N ARG B 318 2.62 17.79 -11.90
CA ARG B 318 3.53 17.95 -13.05
C ARG B 318 4.41 16.70 -13.18
N GLY B 319 4.59 16.24 -14.41
CA GLY B 319 5.34 15.04 -14.65
C GLY B 319 4.55 13.76 -14.54
N LYS B 320 3.34 13.79 -13.98
CA LYS B 320 2.45 12.65 -13.94
C LYS B 320 1.34 12.88 -14.96
N LYS B 321 1.25 11.98 -15.94
CA LYS B 321 0.21 12.11 -16.94
C LYS B 321 -1.11 11.60 -16.36
N ILE B 322 -2.07 12.51 -16.15
CA ILE B 322 -3.37 12.14 -15.58
C ILE B 322 -4.32 11.76 -16.71
N VAL B 323 -4.96 10.60 -16.56
CA VAL B 323 -5.89 10.08 -17.57
C VAL B 323 -7.33 10.18 -17.11
N HIS B 324 -7.59 10.39 -15.83
CA HIS B 324 -8.98 10.52 -15.38
C HIS B 324 -9.00 11.27 -14.07
N VAL B 325 -10.10 11.99 -13.83
CA VAL B 325 -10.30 12.74 -12.60
C VAL B 325 -11.75 12.66 -12.15
N ALA B 326 -11.95 12.92 -10.86
CA ALA B 326 -13.26 12.94 -10.24
C ALA B 326 -13.20 13.89 -9.06
N VAL B 327 -14.33 14.51 -8.75
CA VAL B 327 -14.40 15.46 -7.66
C VAL B 327 -15.60 15.12 -6.79
N GLY B 328 -15.44 15.24 -5.47
CA GLY B 328 -16.53 15.28 -4.53
C GLY B 328 -16.84 16.70 -4.12
N ALA B 329 -17.51 16.84 -2.96
CA ALA B 329 -17.76 18.17 -2.46
C ALA B 329 -16.44 18.92 -2.27
N LEU B 330 -15.51 18.31 -1.51
CA LEU B 330 -14.31 19.00 -1.07
C LEU B 330 -13.02 18.25 -1.38
N HIS B 331 -13.08 17.22 -2.22
CA HIS B 331 -11.90 16.41 -2.48
C HIS B 331 -11.87 16.02 -3.95
N CYS B 332 -10.66 15.68 -4.42
CA CYS B 332 -10.42 15.34 -5.81
C CYS B 332 -9.60 14.07 -5.90
N LEU B 333 -9.84 13.29 -6.95
CA LEU B 333 -9.03 12.13 -7.27
C LEU B 333 -8.53 12.24 -8.70
N ALA B 334 -7.29 11.82 -8.91
CA ALA B 334 -6.65 11.90 -10.22
C ALA B 334 -5.91 10.59 -10.47
N VAL B 335 -6.11 10.01 -11.64
CA VAL B 335 -5.57 8.72 -12.01
C VAL B 335 -4.41 8.95 -12.96
N THR B 336 -3.25 8.40 -12.64
CA THR B 336 -2.12 8.51 -13.55
C THR B 336 -2.20 7.42 -14.61
N ASP B 337 -1.46 7.62 -15.70
CA ASP B 337 -1.44 6.62 -16.76
C ASP B 337 -0.77 5.34 -16.32
N SER B 338 -0.11 5.32 -15.17
CA SER B 338 0.48 4.10 -14.64
C SER B 338 -0.42 3.47 -13.58
N GLY B 339 -1.59 4.03 -13.32
CA GLY B 339 -2.58 3.37 -12.51
C GLY B 339 -2.66 3.83 -11.08
N GLN B 340 -1.98 4.92 -10.71
CA GLN B 340 -2.02 5.42 -9.35
C GLN B 340 -3.16 6.42 -9.20
N VAL B 341 -3.66 6.54 -7.97
CA VAL B 341 -4.64 7.56 -7.63
C VAL B 341 -3.99 8.56 -6.70
N TYR B 342 -4.09 9.84 -7.04
CA TYR B 342 -3.70 10.92 -6.14
C TYR B 342 -4.94 11.66 -5.70
N ALA B 343 -5.10 11.83 -4.39
CA ALA B 343 -6.17 12.61 -3.83
C ALA B 343 -5.63 13.89 -3.21
N TRP B 344 -6.49 14.89 -3.11
CA TRP B 344 -6.21 16.05 -2.28
C TRP B 344 -7.54 16.59 -1.76
N GLY B 345 -7.48 17.37 -0.69
CA GLY B 345 -8.67 18.00 -0.17
C GLY B 345 -9.06 17.57 1.24
N ASP B 346 -10.33 17.77 1.57
CA ASP B 346 -10.78 17.57 2.95
C ASP B 346 -10.85 16.08 3.29
N ASN B 347 -10.88 15.77 4.60
CA ASN B 347 -10.75 14.38 5.01
C ASN B 347 -11.49 14.07 6.32
N ASP B 348 -12.57 14.80 6.62
CA ASP B 348 -13.32 14.55 7.85
C ASP B 348 -13.81 13.11 7.92
N HIS B 349 -14.00 12.46 6.77
CA HIS B 349 -14.60 11.14 6.73
C HIS B 349 -13.69 10.12 6.05
N GLY B 350 -12.40 10.43 5.92
CA GLY B 350 -11.44 9.52 5.35
C GLY B 350 -11.46 9.40 3.83
N GLN B 351 -12.18 10.29 3.12
CA GLN B 351 -12.27 10.19 1.66
C GLN B 351 -10.94 10.46 0.96
N GLN B 352 -9.92 10.95 1.66
CA GLN B 352 -8.60 11.05 1.05
C GLN B 352 -7.95 9.69 0.88
N GLY B 353 -8.39 8.72 1.69
CA GLY B 353 -7.81 7.40 1.66
C GLY B 353 -6.34 7.37 2.05
N ASN B 354 -5.95 8.21 3.01
CA ASN B 354 -4.60 8.17 3.56
C ASN B 354 -4.56 7.55 4.95
N GLY B 355 -5.56 6.74 5.30
CA GLY B 355 -5.57 6.06 6.57
C GLY B 355 -5.95 6.93 7.76
N THR B 356 -6.13 8.23 7.57
CA THR B 356 -6.48 9.10 8.69
C THR B 356 -7.66 9.99 8.32
N THR B 357 -7.93 11.00 9.14
CA THR B 357 -8.87 12.07 8.79
C THR B 357 -8.14 13.40 8.62
N THR B 358 -6.83 13.39 8.39
CA THR B 358 -6.08 14.62 8.11
C THR B 358 -6.21 14.99 6.65
N VAL B 359 -6.28 16.30 6.37
CA VAL B 359 -6.46 16.78 5.00
C VAL B 359 -5.18 16.55 4.20
N ASN B 360 -5.33 16.45 2.88
CA ASN B 360 -4.19 16.46 1.95
C ASN B 360 -4.18 17.82 1.27
N ARG B 361 -3.18 18.65 1.58
CA ARG B 361 -3.09 19.99 1.02
C ARG B 361 -2.58 20.00 -0.41
N LYS B 362 -1.71 19.04 -0.75
CA LYS B 362 -1.21 18.77 -2.09
C LYS B 362 -1.68 17.39 -2.57
N PRO B 363 -1.62 17.13 -3.87
CA PRO B 363 -1.94 15.78 -4.37
C PRO B 363 -1.10 14.72 -3.67
N THR B 364 -1.78 13.70 -3.15
CA THR B 364 -1.14 12.72 -2.27
C THR B 364 -1.46 11.32 -2.75
N LEU B 365 -0.44 10.47 -2.81
CA LEU B 365 -0.63 9.10 -3.28
C LEU B 365 -1.60 8.38 -2.36
N VAL B 366 -2.61 7.75 -2.95
CA VAL B 366 -3.58 6.98 -2.18
C VAL B 366 -3.01 5.58 -1.93
N GLN B 367 -3.07 5.14 -0.68
CA GLN B 367 -2.43 3.91 -0.22
C GLN B 367 -3.32 2.70 -0.45
N GLY B 368 -2.71 1.52 -0.45
CA GLY B 368 -3.46 0.30 -0.48
C GLY B 368 -3.88 -0.16 -1.86
N LEU B 369 -3.34 0.43 -2.93
CA LEU B 369 -3.76 0.05 -4.26
C LEU B 369 -2.64 -0.49 -5.14
N GLU B 370 -1.42 -0.64 -4.60
CA GLU B 370 -0.36 -1.29 -5.37
C GLU B 370 -0.84 -2.64 -5.84
N GLY B 371 -0.60 -2.92 -7.12
CA GLY B 371 -1.14 -4.10 -7.76
C GLY B 371 -2.49 -3.90 -8.44
N GLN B 372 -3.14 -2.77 -8.23
CA GLN B 372 -4.39 -2.45 -8.92
C GLN B 372 -4.10 -1.34 -9.92
N LYS B 373 -4.30 -1.64 -11.22
CA LYS B 373 -4.11 -0.64 -12.26
C LYS B 373 -5.40 0.15 -12.44
N ILE B 374 -5.60 1.14 -11.55
CA ILE B 374 -6.78 1.98 -11.61
C ILE B 374 -6.83 2.74 -12.93
N THR B 375 -7.98 2.70 -13.60
CA THR B 375 -8.23 3.53 -14.77
C THR B 375 -9.41 4.48 -14.61
N ARG B 376 -10.18 4.41 -13.53
CA ARG B 376 -11.30 5.32 -13.33
C ARG B 376 -11.48 5.62 -11.85
N VAL B 377 -12.02 6.79 -11.57
CA VAL B 377 -12.42 7.18 -10.23
C VAL B 377 -13.79 7.85 -10.28
N ALA B 378 -14.44 7.90 -9.13
CA ALA B 378 -15.68 8.62 -8.95
C ALA B 378 -15.68 9.17 -7.54
N CYS B 379 -16.50 10.20 -7.30
CA CYS B 379 -16.65 10.70 -5.95
C CYS B 379 -18.11 10.95 -5.61
N GLY B 380 -18.43 10.84 -4.32
CA GLY B 380 -19.66 11.35 -3.77
C GLY B 380 -19.39 12.58 -2.93
N SER B 381 -20.41 12.98 -2.18
CA SER B 381 -20.24 14.11 -1.26
C SER B 381 -18.98 13.96 -0.43
N SER B 382 -18.81 12.81 0.26
CA SER B 382 -17.66 12.55 1.13
C SER B 382 -17.11 11.13 0.97
N HIS B 383 -17.21 10.54 -0.22
CA HIS B 383 -16.72 9.20 -0.42
C HIS B 383 -16.10 9.11 -1.79
N SER B 384 -15.38 8.00 -2.01
CA SER B 384 -14.47 7.85 -3.13
C SER B 384 -14.57 6.45 -3.70
N VAL B 385 -14.20 6.32 -4.98
CA VAL B 385 -14.32 5.06 -5.70
C VAL B 385 -13.22 5.01 -6.74
N ALA B 386 -12.52 3.88 -6.81
CA ALA B 386 -11.52 3.64 -7.85
C ALA B 386 -11.77 2.24 -8.42
N TRP B 387 -11.57 2.07 -9.72
CA TRP B 387 -11.74 0.72 -10.24
C TRP B 387 -10.81 0.47 -11.42
N THR B 388 -10.51 -0.81 -11.63
CA THR B 388 -9.73 -1.31 -12.74
C THR B 388 -10.66 -1.83 -13.83
N THR B 389 -10.08 -2.13 -14.99
CA THR B 389 -10.85 -2.75 -16.06
C THR B 389 -10.03 -3.75 -16.87
N ASP C 1 -18.25 27.23 6.28
CA ASP C 1 -18.63 26.43 5.07
C ASP C 1 -19.99 25.77 5.31
N GLU C 2 -20.60 25.27 4.23
CA GLU C 2 -21.88 24.57 4.26
C GLU C 2 -21.92 23.36 3.32
N ASP C 3 -20.83 22.60 3.19
CA ASP C 3 -20.81 21.40 2.37
C ASP C 3 -20.10 20.23 3.06
N LYS C 4 -19.76 20.38 4.34
CA LYS C 4 -19.20 19.30 5.14
C LYS C 4 -20.32 18.35 5.55
N ASP C 5 -20.30 17.13 5.02
CA ASP C 5 -21.18 16.08 5.52
C ASP C 5 -21.01 15.95 7.04
N LYS C 6 -22.04 15.45 7.71
CA LYS C 6 -21.99 15.22 9.16
C LYS C 6 -22.21 13.74 9.43
N ASP C 7 -21.23 13.11 10.06
CA ASP C 7 -21.23 11.66 10.29
C ASP C 7 -22.38 11.29 11.21
N GLU C 8 -23.48 10.79 10.63
CA GLU C 8 -24.62 10.32 11.41
C GLU C 8 -24.41 8.88 11.86
N THR D 22 13.75 -13.81 33.23
CA THR D 22 13.34 -12.97 32.11
C THR D 22 14.14 -13.21 30.83
N LYS D 23 13.43 -13.40 29.71
CA LYS D 23 14.07 -13.56 28.40
C LYS D 23 14.03 -12.24 27.63
N VAL D 24 15.19 -11.81 27.12
CA VAL D 24 15.31 -10.53 26.42
C VAL D 24 15.69 -10.82 24.99
N PHE D 25 14.94 -10.24 24.05
CA PHE D 25 15.18 -10.37 22.63
C PHE D 25 15.53 -9.00 22.05
N VAL D 26 16.49 -8.97 21.13
CA VAL D 26 16.95 -7.71 20.58
C VAL D 26 17.06 -7.83 19.06
N TRP D 27 16.96 -6.68 18.39
CA TRP D 27 17.16 -6.62 16.95
C TRP D 27 17.37 -5.16 16.55
N GLY D 28 17.68 -4.95 15.27
CA GLY D 28 17.94 -3.62 14.76
C GLY D 28 19.41 -3.28 14.60
N LEU D 29 19.74 -1.99 14.67
CA LEU D 29 21.10 -1.54 14.40
C LEU D 29 22.07 -2.00 15.47
N ASN D 30 23.30 -2.32 15.04
CA ASN D 30 24.31 -2.87 15.94
C ASN D 30 25.73 -2.45 15.54
N ASP D 31 25.88 -1.28 14.90
CA ASP D 31 27.21 -0.88 14.45
C ASP D 31 28.15 -0.55 15.61
N LYS D 32 27.62 -0.01 16.70
CA LYS D 32 28.39 0.27 17.90
C LYS D 32 28.20 -0.77 18.99
N ASP D 33 27.64 -1.93 18.64
CA ASP D 33 27.39 -3.01 19.60
C ASP D 33 26.30 -2.66 20.61
N GLN D 34 25.33 -1.83 20.20
CA GLN D 34 24.25 -1.51 21.13
C GLN D 34 23.39 -2.73 21.46
N LEU D 35 23.39 -3.76 20.62
CA LEU D 35 22.61 -4.95 20.94
C LEU D 35 23.25 -5.81 22.03
N GLY D 36 24.40 -5.42 22.57
CA GLY D 36 24.95 -6.09 23.72
C GLY D 36 25.70 -7.37 23.46
N GLY D 37 26.25 -7.56 22.26
CA GLY D 37 27.10 -8.70 22.01
C GLY D 37 26.55 -9.72 21.03
N LEU D 38 26.02 -9.25 19.90
CA LEU D 38 25.69 -10.08 18.75
C LEU D 38 26.67 -9.78 17.63
N LYS D 39 26.72 -10.66 16.64
CA LYS D 39 27.55 -10.40 15.46
C LYS D 39 26.68 -9.92 14.30
N GLY D 40 27.22 -8.96 13.55
CA GLY D 40 26.56 -8.30 12.44
C GLY D 40 26.21 -6.85 12.80
N SER D 41 26.24 -5.99 11.79
CA SER D 41 25.86 -4.59 12.03
C SER D 41 24.35 -4.37 12.06
N LYS D 42 23.57 -5.24 11.42
CA LYS D 42 22.11 -5.16 11.45
C LYS D 42 21.59 -6.51 11.90
N ILE D 43 20.69 -6.51 12.86
CA ILE D 43 19.98 -7.71 13.28
C ILE D 43 18.53 -7.55 12.84
N LYS D 44 18.11 -8.35 11.86
CA LYS D 44 16.83 -8.15 11.20
C LYS D 44 15.68 -8.96 11.80
N VAL D 45 15.96 -9.90 12.70
CA VAL D 45 14.91 -10.66 13.38
C VAL D 45 15.15 -10.57 14.88
N PRO D 46 14.10 -10.52 15.69
CA PRO D 46 14.30 -10.58 17.15
C PRO D 46 15.24 -11.72 17.51
N SER D 47 16.28 -11.39 18.25
CA SER D 47 17.32 -12.34 18.60
C SER D 47 17.49 -12.38 20.10
N PHE D 48 17.69 -13.59 20.60
CA PHE D 48 17.86 -13.80 22.04
C PHE D 48 19.22 -13.29 22.48
N SER D 49 19.21 -12.33 23.39
CA SER D 49 20.41 -11.80 24.00
C SER D 49 20.76 -12.66 25.20
N GLU D 50 21.86 -13.43 25.09
CA GLU D 50 22.35 -14.20 26.24
C GLU D 50 22.80 -13.28 27.37
N THR D 51 23.45 -12.17 27.02
CA THR D 51 23.97 -11.26 28.02
C THR D 51 22.85 -10.60 28.81
N LEU D 52 21.78 -10.18 28.13
CA LEU D 52 20.73 -9.43 28.81
C LEU D 52 19.78 -10.35 29.57
N SER D 53 19.36 -11.45 28.95
CA SER D 53 18.59 -12.45 29.68
C SER D 53 19.30 -12.88 30.95
N ALA D 54 20.63 -12.93 30.94
CA ALA D 54 21.37 -13.36 32.13
C ALA D 54 21.23 -12.39 33.30
N LEU D 55 20.79 -11.16 33.03
CA LEU D 55 20.79 -10.10 34.04
C LEU D 55 19.57 -10.10 34.95
N ASN D 56 18.45 -10.70 34.54
CA ASN D 56 17.23 -10.60 35.33
C ASN D 56 16.64 -9.20 35.30
N VAL D 57 16.36 -8.67 34.11
CA VAL D 57 16.03 -7.27 33.98
C VAL D 57 14.58 -7.02 34.40
N VAL D 58 14.33 -5.85 34.96
CA VAL D 58 12.99 -5.32 35.10
C VAL D 58 12.75 -4.13 34.19
N GLN D 59 13.77 -3.72 33.43
CA GLN D 59 13.61 -2.66 32.45
C GLN D 59 14.82 -2.63 31.54
N VAL D 60 14.55 -2.49 30.24
CA VAL D 60 15.55 -2.15 29.25
C VAL D 60 15.15 -0.80 28.65
N ALA D 61 16.14 0.02 28.32
CA ALA D 61 15.88 1.34 27.75
C ALA D 61 16.91 1.64 26.68
N GLY D 62 16.48 2.30 25.60
CA GLY D 62 17.32 2.57 24.45
C GLY D 62 17.54 4.06 24.22
N GLY D 63 18.80 4.42 23.97
CA GLY D 63 19.15 5.79 23.64
C GLY D 63 19.82 5.85 22.27
N SER D 64 20.51 6.96 22.00
CA SER D 64 21.23 7.06 20.74
C SER D 64 22.33 5.99 20.65
N LYS D 65 22.06 4.91 19.90
CA LYS D 65 23.02 3.81 19.71
C LYS D 65 23.49 3.23 21.03
N SER D 66 22.57 3.13 21.99
CA SER D 66 22.91 2.72 23.34
C SER D 66 21.78 1.88 23.92
N LEU D 67 22.13 1.12 24.97
CA LEU D 67 21.18 0.25 25.65
C LEU D 67 21.51 0.24 27.14
N PHE D 68 20.45 0.32 27.96
CA PHE D 68 20.55 0.32 29.42
C PHE D 68 19.61 -0.74 29.96
N ALA D 69 19.98 -1.35 31.08
CA ALA D 69 19.18 -2.41 31.69
C ALA D 69 19.19 -2.26 33.20
N VAL D 70 18.00 -2.24 33.81
CA VAL D 70 17.87 -2.20 35.25
C VAL D 70 17.55 -3.60 35.75
N THR D 71 18.42 -4.15 36.61
CA THR D 71 18.14 -5.49 37.10
C THR D 71 17.17 -5.45 38.28
N VAL D 72 16.69 -6.64 38.63
CA VAL D 72 15.66 -6.76 39.63
C VAL D 72 16.16 -6.39 41.01
N GLU D 73 17.47 -6.38 41.23
CA GLU D 73 18.02 -5.94 42.50
C GLU D 73 18.63 -4.54 42.41
N GLY D 74 18.21 -3.75 41.44
CA GLY D 74 18.57 -2.36 41.40
C GLY D 74 19.88 -2.04 40.71
N LYS D 75 20.47 -2.99 39.99
CA LYS D 75 21.71 -2.72 39.27
C LYS D 75 21.41 -2.15 37.88
N VAL D 76 22.39 -1.43 37.34
CA VAL D 76 22.26 -0.85 35.99
C VAL D 76 23.47 -1.25 35.17
N TYR D 77 23.20 -1.72 33.95
CA TYR D 77 24.22 -2.03 32.96
C TYR D 77 23.94 -1.27 31.68
N ALA D 78 25.00 -0.97 30.93
CA ALA D 78 24.87 -0.26 29.67
C ALA D 78 25.81 -0.87 28.63
N CYS D 79 25.45 -0.69 27.36
CA CYS D 79 26.37 -1.02 26.27
C CYS D 79 26.09 -0.10 25.10
N GLY D 80 26.99 -0.14 24.11
CA GLY D 80 26.85 0.63 22.89
C GLY D 80 27.84 1.78 22.81
N GLU D 81 27.48 2.77 22.00
CA GLU D 81 28.39 3.89 21.78
C GLU D 81 28.58 4.65 23.09
N ALA D 82 29.86 4.88 23.46
CA ALA D 82 30.22 5.51 24.72
C ALA D 82 30.49 7.01 24.58
N THR D 83 30.40 7.55 23.36
CA THR D 83 30.66 8.97 23.11
C THR D 83 29.77 9.88 23.95
N ASN D 84 30.33 11.04 24.33
CA ASN D 84 29.72 12.08 25.15
C ASN D 84 29.45 11.62 26.58
N GLY D 85 29.96 10.46 26.97
CA GLY D 85 29.68 9.93 28.30
C GLY D 85 28.29 9.38 28.46
N ARG D 86 27.56 9.15 27.36
CA ARG D 86 26.16 8.78 27.46
C ARG D 86 25.96 7.52 28.28
N LEU D 87 26.95 6.62 28.31
CA LEU D 87 26.74 5.33 28.96
C LEU D 87 26.93 5.38 30.47
N GLY D 88 27.44 6.48 31.00
CA GLY D 88 27.63 6.59 32.45
C GLY D 88 28.74 5.76 33.03
N LEU D 89 29.64 5.22 32.20
CA LEU D 89 30.64 4.27 32.65
C LEU D 89 32.02 4.92 32.91
N GLY D 90 32.08 6.24 33.01
CA GLY D 90 33.34 6.93 33.25
C GLY D 90 34.24 7.10 32.05
N ILE D 91 33.73 6.87 30.83
CA ILE D 91 34.49 7.01 29.60
C ILE D 91 33.71 7.89 28.65
N SER D 92 34.40 8.40 27.62
CA SER D 92 33.73 9.29 26.67
C SER D 92 34.03 8.94 25.22
N SER D 93 34.47 7.72 24.93
CA SER D 93 34.76 7.37 23.54
C SER D 93 34.79 5.85 23.41
N GLY D 94 34.90 5.40 22.17
CA GLY D 94 34.83 3.97 21.93
C GLY D 94 33.41 3.44 22.06
N THR D 95 33.33 2.13 22.25
CA THR D 95 32.06 1.45 22.48
C THR D 95 32.22 0.48 23.65
N VAL D 96 31.08 0.04 24.16
CA VAL D 96 31.00 -0.98 25.19
C VAL D 96 30.24 -2.17 24.61
N PRO D 97 30.96 -3.21 24.19
CA PRO D 97 30.33 -4.25 23.37
C PRO D 97 29.48 -5.22 24.18
N ILE D 98 29.85 -5.41 25.45
CA ILE D 98 29.17 -6.34 26.35
C ILE D 98 28.56 -5.53 27.48
N PRO D 99 27.29 -5.74 27.83
CA PRO D 99 26.68 -4.91 28.88
C PRO D 99 27.52 -4.91 30.15
N ARG D 100 27.86 -3.71 30.61
CA ARG D 100 28.78 -3.48 31.73
C ARG D 100 28.07 -2.67 32.81
N GLN D 101 28.37 -2.97 34.06
CA GLN D 101 27.64 -2.33 35.16
C GLN D 101 28.07 -0.87 35.34
N ILE D 102 27.08 0.00 35.52
CA ILE D 102 27.35 1.35 36.01
C ILE D 102 27.65 1.23 37.51
N THR D 103 28.92 0.97 37.84
CA THR D 103 29.31 0.71 39.23
C THR D 103 29.21 1.95 40.09
N ALA D 104 29.09 3.13 39.48
CA ALA D 104 28.91 4.36 40.24
C ALA D 104 27.56 4.42 40.92
N LEU D 105 26.62 3.54 40.54
CA LEU D 105 25.33 3.43 41.19
C LEU D 105 25.22 2.20 42.09
N SER D 106 26.29 1.44 42.26
CA SER D 106 26.22 0.14 42.92
C SER D 106 25.62 0.22 44.32
N SER D 107 25.78 1.36 44.99
CA SER D 107 25.26 1.50 46.34
C SER D 107 23.80 1.89 46.39
N TYR D 108 23.13 2.03 45.25
CA TYR D 108 21.74 2.45 45.21
C TYR D 108 20.92 1.44 44.42
N VAL D 109 19.68 1.22 44.87
CA VAL D 109 18.74 0.34 44.21
C VAL D 109 17.97 1.18 43.20
N VAL D 110 18.28 1.03 41.90
CA VAL D 110 17.64 1.78 40.82
C VAL D 110 16.38 1.06 40.35
N LYS D 111 15.29 1.79 40.15
CA LYS D 111 14.07 1.19 39.64
C LYS D 111 13.73 1.62 38.22
N LYS D 112 14.37 2.66 37.69
CA LYS D 112 14.05 3.06 36.33
C LYS D 112 15.14 3.98 35.80
N VAL D 113 15.51 3.76 34.53
CA VAL D 113 16.39 4.66 33.79
C VAL D 113 15.57 5.32 32.71
N ALA D 114 15.78 6.63 32.52
CA ALA D 114 15.09 7.42 31.51
C ALA D 114 16.11 7.92 30.48
N VAL D 115 15.82 7.68 29.21
CA VAL D 115 16.66 8.18 28.12
C VAL D 115 15.77 8.30 26.89
N HIS D 116 16.10 9.25 26.03
CA HIS D 116 15.35 9.38 24.79
C HIS D 116 16.04 8.53 23.73
N SER D 117 15.24 8.02 22.79
CA SER D 117 15.83 7.17 21.76
C SER D 117 16.95 7.89 21.01
N GLY D 118 16.83 9.21 20.84
CA GLY D 118 17.90 9.96 20.25
C GLY D 118 18.79 10.70 21.24
N GLY D 119 18.85 10.24 22.49
CA GLY D 119 19.50 10.97 23.55
C GLY D 119 20.90 10.53 23.90
N ARG D 120 21.68 11.46 24.44
CA ARG D 120 23.03 11.20 24.91
C ARG D 120 23.21 11.53 26.39
N HIS D 121 22.13 11.75 27.11
CA HIS D 121 22.17 11.85 28.55
C HIS D 121 21.01 11.02 29.11
N ALA D 122 21.13 10.68 30.38
CA ALA D 122 20.11 9.80 30.95
C ALA D 122 20.02 10.08 32.45
N THR D 123 18.92 9.62 33.04
CA THR D 123 18.69 9.72 34.46
C THR D 123 18.28 8.36 35.01
N ALA D 124 18.72 8.11 36.24
CA ALA D 124 18.29 6.94 36.98
C ALA D 124 17.49 7.41 38.19
N LEU D 125 16.46 6.64 38.54
CA LEU D 125 15.61 6.90 39.69
C LEU D 125 15.67 5.73 40.66
N THR D 126 16.00 6.00 41.91
CA THR D 126 16.14 5.00 42.95
C THR D 126 14.77 4.67 43.56
N VAL D 127 14.72 3.53 44.25
CA VAL D 127 13.45 3.12 44.86
C VAL D 127 13.01 4.12 45.91
N ASP D 128 13.95 4.85 46.51
CA ASP D 128 13.63 5.83 47.54
C ASP D 128 13.60 7.27 47.01
N GLY D 129 13.41 7.44 45.70
CA GLY D 129 13.08 8.72 45.10
C GLY D 129 14.23 9.61 44.68
N LYS D 130 15.48 9.15 44.79
CA LYS D 130 16.59 9.97 44.35
C LYS D 130 16.75 9.88 42.84
N VAL D 131 17.33 10.94 42.27
CA VAL D 131 17.54 11.04 40.83
C VAL D 131 19.00 11.33 40.56
N PHE D 132 19.62 10.52 39.70
CA PHE D 132 20.96 10.73 39.18
C PHE D 132 20.92 11.01 37.68
N SER D 133 21.86 11.81 37.20
CA SER D 133 21.97 12.11 35.78
C SER D 133 23.42 11.94 35.33
N TRP D 134 23.57 11.68 34.02
CA TRP D 134 24.90 11.55 33.43
C TRP D 134 24.79 11.72 31.92
N GLY D 135 25.95 11.99 31.30
CA GLY D 135 26.04 12.12 29.86
C GLY D 135 26.32 13.52 29.37
N GLU D 136 25.82 13.85 28.18
CA GLU D 136 26.03 15.16 27.60
C GLU D 136 25.29 16.23 28.41
N GLY D 137 26.00 17.28 28.79
CA GLY D 137 25.47 18.31 29.65
C GLY D 137 25.07 19.60 28.98
N ASP D 138 25.12 19.69 27.64
CA ASP D 138 24.72 20.91 26.96
C ASP D 138 23.35 21.38 27.43
N ASP D 139 23.18 22.69 27.52
CA ASP D 139 21.90 23.34 27.77
C ASP D 139 21.32 22.99 29.14
N GLY D 140 22.09 22.35 30.01
CA GLY D 140 21.66 22.09 31.37
C GLY D 140 20.83 20.86 31.58
N LYS D 141 20.64 20.01 30.56
CA LYS D 141 19.76 18.85 30.70
C LYS D 141 20.16 17.94 31.86
N LEU D 142 21.40 18.00 32.34
CA LEU D 142 21.78 17.15 33.46
C LEU D 142 21.26 17.69 34.80
N GLY D 143 20.99 18.99 34.88
CA GLY D 143 20.31 19.54 36.03
C GLY D 143 21.18 19.97 37.19
N HIS D 144 22.51 20.02 37.01
CA HIS D 144 23.43 20.38 38.08
C HIS D 144 23.82 21.85 38.06
N PHE D 145 22.99 22.71 37.47
CA PHE D 145 23.28 24.14 37.39
C PHE D 145 24.56 24.41 36.62
N SER D 146 24.91 23.54 35.67
CA SER D 146 25.98 23.84 34.73
C SER D 146 25.64 23.22 33.40
N ARG D 147 26.53 23.42 32.42
CA ARG D 147 26.38 22.87 31.08
C ARG D 147 27.44 21.83 30.77
N MET D 148 28.13 21.29 31.78
CA MET D 148 29.26 20.39 31.55
C MET D 148 28.77 18.95 31.51
N ASN D 149 29.48 18.13 30.74
CA ASN D 149 29.17 16.70 30.68
C ASN D 149 29.52 16.03 32.00
N CYS D 150 28.86 14.91 32.26
CA CYS D 150 29.19 14.02 33.38
C CYS D 150 29.31 12.61 32.81
N ASP D 151 30.51 12.04 32.83
CA ASP D 151 30.66 10.71 32.28
C ASP D 151 30.29 9.62 33.28
N LYS D 152 30.06 9.97 34.55
CA LYS D 152 29.60 9.09 35.62
C LYS D 152 28.33 9.66 36.23
N PRO D 153 27.39 8.81 36.67
CA PRO D 153 26.16 9.30 37.30
C PRO D 153 26.47 10.24 38.47
N ARG D 154 25.69 11.31 38.56
CA ARG D 154 25.84 12.29 39.62
C ARG D 154 24.47 12.67 40.16
N LEU D 155 24.39 12.80 41.48
CA LEU D 155 23.09 13.01 42.11
C LEU D 155 22.59 14.41 41.80
N ILE D 156 21.32 14.50 41.38
CA ILE D 156 20.71 15.81 41.19
C ILE D 156 20.38 16.42 42.56
N GLU D 157 21.27 17.30 43.05
CA GLU D 157 21.11 17.85 44.39
C GLU D 157 19.81 18.64 44.53
N ALA D 158 19.36 19.27 43.45
CA ALA D 158 18.17 20.11 43.48
C ALA D 158 16.90 19.32 43.78
N LEU D 159 16.94 17.99 43.67
CA LEU D 159 15.76 17.17 43.91
C LEU D 159 15.90 16.31 45.17
N LYS D 160 16.96 16.51 45.95
CA LYS D 160 17.23 15.57 47.04
C LYS D 160 16.14 15.58 48.09
N THR D 161 15.46 16.71 48.27
CA THR D 161 14.37 16.79 49.25
C THR D 161 13.01 16.41 48.69
N LYS D 162 12.91 16.05 47.41
CA LYS D 162 11.64 15.71 46.78
C LYS D 162 11.57 14.21 46.49
N ARG D 163 10.45 13.59 46.84
CA ARG D 163 10.23 12.17 46.58
C ARG D 163 9.83 12.01 45.12
N ILE D 164 10.82 11.80 44.27
CA ILE D 164 10.58 11.69 42.84
C ILE D 164 10.03 10.30 42.53
N ARG D 165 8.99 10.26 41.70
CA ARG D 165 8.27 9.02 41.46
C ARG D 165 8.34 8.55 40.02
N ASP D 166 8.75 9.41 39.08
CA ASP D 166 8.99 8.96 37.71
C ASP D 166 9.89 9.99 37.04
N ILE D 167 10.58 9.54 35.98
CA ILE D 167 11.52 10.37 35.22
C ILE D 167 11.28 10.16 33.72
N ALA D 168 11.88 11.05 32.94
CA ALA D 168 11.83 11.02 31.49
C ALA D 168 12.93 11.93 30.97
N CYS D 169 13.38 11.68 29.75
CA CYS D 169 14.42 12.50 29.13
C CYS D 169 14.12 12.68 27.65
N GLY D 170 14.51 13.86 27.13
CA GLY D 170 14.57 14.11 25.73
C GLY D 170 15.99 14.16 25.21
N SER D 171 16.14 14.73 24.02
CA SER D 171 17.48 14.96 23.51
C SER D 171 18.13 16.16 24.17
N SER D 172 17.34 17.10 24.68
CA SER D 172 17.94 18.32 25.22
C SER D 172 17.25 18.85 26.48
N HIS D 173 16.31 18.11 27.06
CA HIS D 173 15.77 18.49 28.35
C HIS D 173 15.31 17.23 29.06
N SER D 174 14.96 17.38 30.34
CA SER D 174 14.61 16.27 31.20
C SER D 174 13.38 16.63 32.02
N ALA D 175 12.85 15.64 32.74
CA ALA D 175 11.70 15.88 33.58
C ALA D 175 11.62 14.79 34.65
N ALA D 176 11.12 15.21 35.80
CA ALA D 176 10.79 14.30 36.88
C ALA D 176 9.50 14.77 37.50
N LEU D 177 8.72 13.84 38.02
CA LEU D 177 7.50 14.24 38.72
C LEU D 177 7.50 13.61 40.11
N THR D 178 6.97 14.35 41.07
CA THR D 178 6.98 13.95 42.47
C THR D 178 5.79 13.05 42.76
N SER D 179 5.87 12.35 43.89
CA SER D 179 4.78 11.45 44.26
C SER D 179 3.48 12.22 44.43
N SER D 180 3.53 13.48 44.83
CA SER D 180 2.34 14.32 44.95
C SER D 180 1.86 14.93 43.63
N GLY D 181 2.47 14.57 42.50
CA GLY D 181 1.97 14.95 41.19
C GLY D 181 2.52 16.23 40.60
N GLU D 182 3.60 16.77 41.13
CA GLU D 182 4.20 17.98 40.56
C GLU D 182 5.22 17.59 39.50
N LEU D 183 5.32 18.42 38.47
CA LEU D 183 6.19 18.15 37.33
C LEU D 183 7.34 19.16 37.28
N TYR D 184 8.57 18.65 37.11
CA TYR D 184 9.77 19.44 36.91
C TYR D 184 10.32 19.23 35.51
N THR D 185 10.80 20.31 34.89
CA THR D 185 11.51 20.23 33.63
C THR D 185 12.75 21.12 33.68
N TRP D 186 13.76 20.76 32.91
CA TRP D 186 14.98 21.55 32.91
C TRP D 186 15.76 21.22 31.64
N GLY D 187 16.76 22.05 31.35
CA GLY D 187 17.50 21.90 30.12
C GLY D 187 17.19 22.98 29.08
N LEU D 188 17.17 22.60 27.81
CA LEU D 188 17.09 23.59 26.73
C LEU D 188 15.72 24.25 26.70
N GLY D 189 15.71 25.59 26.68
CA GLY D 189 14.47 26.34 26.69
C GLY D 189 13.87 26.64 25.33
N GLU D 190 14.61 26.48 24.25
CA GLU D 190 14.11 26.92 22.95
C GLU D 190 12.77 26.29 22.60
N TYR D 191 11.90 27.09 21.99
CA TYR D 191 10.61 26.69 21.44
C TYR D 191 9.64 26.21 22.50
N GLY D 192 9.92 26.42 23.78
CA GLY D 192 8.94 26.24 24.83
C GLY D 192 8.87 24.86 25.43
N ARG D 193 9.87 24.03 25.20
CA ARG D 193 9.74 22.63 25.59
C ARG D 193 9.68 22.45 27.10
N LEU D 194 10.21 23.39 27.88
CA LEU D 194 10.20 23.25 29.34
C LEU D 194 8.86 23.62 29.95
N GLY D 195 8.06 24.44 29.28
CA GLY D 195 6.70 24.68 29.71
C GLY D 195 6.50 25.75 30.77
N HIS D 196 7.45 26.68 30.93
CA HIS D 196 7.36 27.73 31.95
C HIS D 196 6.94 29.08 31.38
N GLY D 197 6.42 29.13 30.15
CA GLY D 197 5.94 30.36 29.58
C GLY D 197 7.00 31.27 29.00
N ASP D 198 8.20 30.76 28.79
CA ASP D 198 9.27 31.48 28.11
C ASP D 198 10.14 30.44 27.40
N ASN D 199 11.19 30.91 26.71
CA ASN D 199 12.09 30.04 25.96
C ASN D 199 13.45 29.89 26.63
N THR D 200 13.46 29.99 27.95
CA THR D 200 14.68 30.16 28.72
C THR D 200 15.22 28.82 29.22
N THR D 201 16.52 28.61 29.03
CA THR D 201 17.15 27.41 29.56
C THR D 201 17.09 27.42 31.09
N GLN D 202 16.79 26.26 31.65
CA GLN D 202 16.84 26.01 33.09
C GLN D 202 17.96 25.00 33.32
N LEU D 203 19.02 25.44 33.99
CA LEU D 203 20.12 24.56 34.34
C LEU D 203 19.83 23.74 35.60
N LYS D 204 18.75 24.07 36.31
CA LYS D 204 18.29 23.37 37.49
C LYS D 204 16.84 22.97 37.31
N PRO D 205 16.42 21.80 37.83
CA PRO D 205 14.99 21.45 37.81
C PRO D 205 14.09 22.63 38.18
N LYS D 206 13.04 22.86 37.40
CA LYS D 206 12.07 23.93 37.65
C LYS D 206 10.66 23.40 37.50
N MET D 207 9.79 23.73 38.45
CA MET D 207 8.44 23.16 38.49
C MET D 207 7.53 23.84 37.47
N VAL D 208 6.81 23.03 36.70
CA VAL D 208 5.88 23.55 35.69
C VAL D 208 4.64 24.10 36.40
N LYS D 209 4.58 25.44 36.52
CA LYS D 209 3.55 26.05 37.37
C LYS D 209 2.16 25.82 36.80
N VAL D 210 2.02 25.92 35.47
CA VAL D 210 0.70 25.85 34.86
C VAL D 210 -0.03 24.56 35.25
N LEU D 211 0.71 23.51 35.57
CA LEU D 211 0.12 22.21 35.82
C LEU D 211 -0.21 21.97 37.31
N LEU D 212 0.14 22.90 38.20
CA LEU D 212 -0.28 22.74 39.59
C LEU D 212 -1.81 22.75 39.67
N GLY D 213 -2.36 21.88 40.51
CA GLY D 213 -3.78 21.59 40.50
C GLY D 213 -4.14 20.29 39.78
N HIS D 214 -3.23 19.78 38.95
CA HIS D 214 -3.38 18.50 38.28
C HIS D 214 -2.33 17.54 38.82
N ARG D 215 -2.74 16.34 39.18
CA ARG D 215 -1.78 15.35 39.60
C ARG D 215 -1.15 14.77 38.34
N VAL D 216 0.10 15.12 38.07
CA VAL D 216 0.78 14.57 36.91
C VAL D 216 1.35 13.21 37.29
N ILE D 217 1.10 12.22 36.44
CA ILE D 217 1.52 10.86 36.69
C ILE D 217 2.46 10.32 35.63
N GLN D 218 2.69 11.06 34.54
CA GLN D 218 3.56 10.59 33.48
C GLN D 218 3.94 11.77 32.59
N VAL D 219 5.15 11.72 32.04
CA VAL D 219 5.69 12.77 31.20
C VAL D 219 6.56 12.13 30.12
N ALA D 220 6.59 12.76 28.94
CA ALA D 220 7.39 12.28 27.83
C ALA D 220 7.98 13.49 27.10
N CYS D 221 9.23 13.36 26.67
CA CYS D 221 10.02 14.45 26.13
C CYS D 221 10.51 14.10 24.73
N GLY D 222 10.49 15.10 23.84
CA GLY D 222 10.88 14.88 22.45
C GLY D 222 12.35 15.17 22.18
N SER D 223 12.67 15.24 20.89
CA SER D 223 14.04 15.47 20.43
C SER D 223 14.10 16.62 19.43
N ARG D 224 15.31 17.09 19.16
CA ARG D 224 15.50 18.19 18.19
C ARG D 224 14.61 19.35 18.63
N ASP D 225 13.84 19.95 17.72
CA ASP D 225 12.82 20.93 18.07
C ASP D 225 11.67 20.19 18.71
N ALA D 226 11.67 20.15 20.04
CA ALA D 226 11.03 19.09 20.80
C ALA D 226 9.70 19.53 21.40
N GLN D 227 8.79 18.56 21.51
CA GLN D 227 7.59 18.66 22.31
C GLN D 227 7.78 17.98 23.66
N THR D 228 6.84 18.24 24.56
CA THR D 228 6.72 17.52 25.83
C THR D 228 5.26 17.12 26.03
N LEU D 229 5.02 15.93 26.58
CA LEU D 229 3.68 15.51 26.93
C LEU D 229 3.58 15.23 28.42
N ALA D 230 2.39 15.42 28.97
CA ALA D 230 2.10 15.13 30.38
C ALA D 230 0.74 14.47 30.47
N LEU D 231 0.61 13.51 31.40
CA LEU D 231 -0.63 12.80 31.66
C LEU D 231 -1.01 12.99 33.11
N THR D 232 -2.27 13.35 33.37
CA THR D 232 -2.76 13.49 34.73
C THR D 232 -3.53 12.24 35.13
N ASP D 233 -3.84 12.15 36.43
CA ASP D 233 -4.56 10.99 36.94
C ASP D 233 -6.03 11.02 36.58
N GLU D 234 -6.55 12.11 36.00
CA GLU D 234 -7.88 12.11 35.42
C GLU D 234 -7.89 11.73 33.95
N GLY D 235 -6.79 11.22 33.43
CA GLY D 235 -6.73 10.88 32.03
C GLY D 235 -6.49 12.04 31.10
N LEU D 236 -6.30 13.26 31.62
CA LEU D 236 -6.00 14.40 30.78
C LEU D 236 -4.57 14.33 30.28
N VAL D 237 -4.39 14.64 29.00
CA VAL D 237 -3.06 14.74 28.39
C VAL D 237 -2.80 16.20 28.03
N PHE D 238 -1.64 16.70 28.42
CA PHE D 238 -1.17 18.03 28.07
C PHE D 238 0.06 17.96 27.19
N SER D 239 0.22 18.95 26.31
CA SER D 239 1.38 19.04 25.45
C SER D 239 1.85 20.49 25.37
N TRP D 240 3.14 20.65 25.09
CA TRP D 240 3.75 21.99 24.96
C TRP D 240 5.11 21.86 24.29
N GLY D 241 5.56 22.95 23.67
CA GLY D 241 6.85 22.94 22.99
C GLY D 241 6.71 23.25 21.54
N ASP D 242 7.58 22.67 20.70
CA ASP D 242 7.58 22.97 19.26
C ASP D 242 6.34 22.33 18.59
N GLY D 243 5.67 23.06 17.71
CA GLY D 243 4.44 22.59 17.06
C GLY D 243 4.65 22.11 15.64
N ASP D 244 5.89 22.07 15.19
CA ASP D 244 6.19 21.61 13.82
C ASP D 244 5.59 20.22 13.57
N PHE D 245 4.95 20.03 12.42
CA PHE D 245 4.36 18.73 12.01
C PHE D 245 3.18 18.31 12.90
N GLY D 246 2.65 19.21 13.73
CA GLY D 246 1.46 18.86 14.49
C GLY D 246 1.71 17.93 15.66
N LYS D 247 2.97 17.80 16.10
CA LYS D 247 3.27 16.88 17.18
C LYS D 247 2.70 17.34 18.52
N LEU D 248 2.14 18.55 18.59
CA LEU D 248 1.41 18.95 19.79
C LEU D 248 0.00 18.41 19.83
N GLY D 249 -0.58 18.05 18.68
CA GLY D 249 -1.85 17.35 18.69
C GLY D 249 -3.07 18.24 18.77
N ARG D 250 -2.91 19.54 18.57
CA ARG D 250 -4.03 20.48 18.67
C ARG D 250 -4.24 21.21 17.35
N GLY D 251 -3.87 20.56 16.25
CA GLY D 251 -4.02 21.13 14.93
C GLY D 251 -2.84 22.02 14.56
N GLY D 252 -2.79 22.36 13.26
CA GLY D 252 -1.85 23.32 12.72
C GLY D 252 -0.42 23.00 13.10
N SER D 253 0.38 24.07 13.28
CA SER D 253 1.79 23.89 13.59
C SER D 253 2.36 24.97 14.51
N GLU D 254 1.55 25.72 15.26
CA GLU D 254 2.10 26.70 16.18
C GLU D 254 2.50 26.06 17.50
N GLY D 255 3.69 26.41 17.98
CA GLY D 255 4.14 25.94 19.27
C GLY D 255 3.55 26.75 20.41
N CYS D 256 3.90 26.34 21.63
CA CYS D 256 3.47 27.04 22.82
C CYS D 256 4.42 26.71 23.96
N ASN D 257 4.62 27.67 24.86
CA ASN D 257 5.52 27.48 25.98
C ASN D 257 4.77 27.25 27.30
N ILE D 258 3.46 27.01 27.25
CA ILE D 258 2.75 26.55 28.43
C ILE D 258 2.03 25.26 28.05
N PRO D 259 1.85 24.33 28.99
CA PRO D 259 1.11 23.11 28.67
C PRO D 259 -0.31 23.43 28.23
N GLN D 260 -0.74 22.79 27.15
CA GLN D 260 -2.10 22.89 26.66
C GLN D 260 -2.71 21.50 26.61
N ASN D 261 -4.00 21.42 26.92
CA ASN D 261 -4.72 20.16 26.96
C ASN D 261 -5.03 19.67 25.53
N ILE D 262 -4.71 18.40 25.27
CA ILE D 262 -5.03 17.78 23.98
C ILE D 262 -6.48 17.29 24.02
N GLU D 263 -7.39 18.11 23.49
CA GLU D 263 -8.81 17.85 23.70
C GLU D 263 -9.25 16.51 23.15
N ARG D 264 -8.70 16.11 21.99
CA ARG D 264 -9.17 14.86 21.41
C ARG D 264 -8.95 13.67 22.34
N LEU D 265 -7.92 13.69 23.18
CA LEU D 265 -7.68 12.54 24.03
C LEU D 265 -8.58 12.51 25.28
N ASN D 266 -9.24 13.60 25.61
CA ASN D 266 -10.11 13.60 26.79
C ASN D 266 -11.13 12.48 26.69
N GLY D 267 -11.36 11.80 27.82
CA GLY D 267 -12.34 10.73 27.89
C GLY D 267 -11.88 9.39 27.36
N GLN D 268 -10.65 9.28 26.87
CA GLN D 268 -10.20 8.05 26.23
C GLN D 268 -9.53 7.08 27.19
N GLY D 269 -9.24 7.48 28.41
CA GLY D 269 -8.52 6.60 29.32
C GLY D 269 -7.05 6.39 28.97
N VAL D 270 -6.34 7.43 28.55
CA VAL D 270 -4.93 7.28 28.27
C VAL D 270 -4.18 6.88 29.53
N CYS D 271 -3.19 6.01 29.37
CA CYS D 271 -2.39 5.55 30.50
C CYS D 271 -0.91 5.52 30.22
N GLN D 272 -0.46 5.68 28.97
CA GLN D 272 0.95 5.73 28.65
C GLN D 272 1.13 6.76 27.55
N ILE D 273 2.21 7.54 27.63
CA ILE D 273 2.57 8.55 26.65
C ILE D 273 4.02 8.40 26.26
N GLU D 274 4.34 8.72 25.01
CA GLU D 274 5.71 8.60 24.53
C GLU D 274 5.99 9.60 23.41
N CYS D 275 7.26 9.98 23.26
CA CYS D 275 7.70 10.87 22.19
C CYS D 275 8.89 10.27 21.45
N GLY D 276 8.75 10.05 20.16
CA GLY D 276 9.86 9.68 19.30
C GLY D 276 10.49 10.90 18.67
N ALA D 277 11.02 10.73 17.46
CA ALA D 277 11.52 11.87 16.70
C ALA D 277 10.34 12.57 16.02
N GLN D 278 9.98 13.75 16.52
CA GLN D 278 8.96 14.61 15.90
C GLN D 278 7.59 13.96 15.84
N PHE D 279 7.25 13.09 16.79
CA PHE D 279 5.91 12.53 16.81
C PHE D 279 5.57 12.04 18.22
N SER D 280 4.28 11.87 18.45
CA SER D 280 3.77 11.58 19.78
C SER D 280 2.90 10.33 19.69
N LEU D 281 2.77 9.62 20.81
CA LEU D 281 2.05 8.35 20.85
C LEU D 281 1.37 8.21 22.21
N ALA D 282 0.15 7.69 22.21
CA ALA D 282 -0.59 7.52 23.44
C ALA D 282 -1.26 6.16 23.44
N LEU D 283 -1.21 5.48 24.58
CA LEU D 283 -1.91 4.19 24.76
C LEU D 283 -3.01 4.35 25.80
N THR D 284 -4.16 3.71 25.56
CA THR D 284 -5.28 3.81 26.47
C THR D 284 -5.49 2.51 27.24
N LYS D 285 -6.15 2.64 28.40
CA LYS D 285 -6.44 1.48 29.21
C LYS D 285 -7.23 0.44 28.44
N SER D 286 -7.97 0.84 27.41
CA SER D 286 -8.75 -0.14 26.65
C SER D 286 -7.95 -0.78 25.52
N GLY D 287 -6.69 -0.40 25.31
CA GLY D 287 -5.86 -1.04 24.30
C GLY D 287 -5.68 -0.26 23.01
N VAL D 288 -6.20 0.94 22.90
CA VAL D 288 -6.14 1.74 21.69
C VAL D 288 -4.85 2.54 21.66
N VAL D 289 -4.23 2.61 20.48
CA VAL D 289 -3.03 3.40 20.24
C VAL D 289 -3.39 4.63 19.42
N TRP D 290 -2.87 5.80 19.81
CA TRP D 290 -3.04 7.02 19.05
C TRP D 290 -1.67 7.57 18.70
N THR D 291 -1.45 7.97 17.44
CA THR D 291 -0.22 8.68 17.09
C THR D 291 -0.54 9.95 16.34
N TRP D 292 0.37 10.92 16.44
CA TRP D 292 0.30 12.18 15.69
C TRP D 292 1.70 12.80 15.62
N GLY D 293 1.90 13.65 14.63
CA GLY D 293 3.20 14.25 14.43
C GLY D 293 3.74 14.07 13.03
N LYS D 294 5.06 14.15 12.89
CA LYS D 294 5.69 14.07 11.57
C LYS D 294 5.49 12.68 10.95
N GLY D 295 5.16 12.67 9.66
CA GLY D 295 4.70 11.45 9.01
C GLY D 295 5.69 10.76 8.09
N ASP D 296 6.84 11.38 7.85
CA ASP D 296 7.85 10.77 7.00
C ASP D 296 8.25 9.41 7.54
N TYR D 297 8.47 8.44 6.62
CA TYR D 297 8.95 7.10 6.92
C TYR D 297 7.94 6.24 7.67
N PHE D 298 6.69 6.66 7.71
CA PHE D 298 5.61 5.84 8.26
C PHE D 298 5.79 5.58 9.74
N ARG D 299 6.45 6.51 10.44
CA ARG D 299 6.64 6.33 11.87
C ARG D 299 5.34 6.38 12.63
N LEU D 300 4.27 6.86 12.01
CA LEU D 300 3.00 7.03 12.69
C LEU D 300 2.11 5.79 12.61
N GLY D 301 2.31 4.94 11.60
CA GLY D 301 1.64 3.66 11.52
C GLY D 301 0.30 3.64 10.81
N HIS D 302 -0.07 4.69 10.09
CA HIS D 302 -1.37 4.75 9.44
C HIS D 302 -1.37 4.28 7.99
N GLY D 303 -0.23 3.88 7.45
CA GLY D 303 -0.14 3.39 6.09
C GLY D 303 0.25 4.43 5.07
N SER D 304 0.18 5.70 5.43
CA SER D 304 0.60 6.82 4.60
C SER D 304 1.59 7.63 5.41
N ASP D 305 2.45 8.37 4.71
CA ASP D 305 3.47 9.13 5.42
C ASP D 305 3.08 10.59 5.59
N VAL D 306 1.78 10.89 5.69
CA VAL D 306 1.32 12.27 5.87
C VAL D 306 1.46 12.67 7.33
N HIS D 307 1.61 13.97 7.56
CA HIS D 307 1.65 14.51 8.92
C HIS D 307 0.24 14.54 9.51
N VAL D 308 0.09 14.11 10.76
CA VAL D 308 -1.20 14.18 11.43
C VAL D 308 -1.05 15.11 12.63
N ARG D 309 -2.00 16.05 12.75
CA ARG D 309 -1.85 17.20 13.63
C ARG D 309 -2.80 17.16 14.81
N LYS D 310 -3.65 16.13 14.86
CA LYS D 310 -4.40 15.77 16.05
C LYS D 310 -4.32 14.24 16.15
N PRO D 311 -4.37 13.70 17.36
CA PRO D 311 -4.24 12.24 17.50
C PRO D 311 -5.17 11.46 16.59
N GLN D 312 -4.64 10.39 15.97
CA GLN D 312 -5.39 9.49 15.10
C GLN D 312 -5.19 8.04 15.56
N VAL D 313 -6.29 7.31 15.70
CA VAL D 313 -6.17 5.90 16.09
C VAL D 313 -5.35 5.16 15.05
N VAL D 314 -4.44 4.33 15.53
CA VAL D 314 -3.69 3.40 14.68
C VAL D 314 -4.60 2.22 14.40
N GLU D 315 -5.24 2.24 13.24
CA GLU D 315 -6.31 1.28 13.03
C GLU D 315 -5.81 -0.10 12.62
N GLY D 316 -4.55 -0.23 12.23
CA GLY D 316 -4.02 -1.58 12.06
C GLY D 316 -3.99 -2.39 13.34
N LEU D 317 -4.18 -1.76 14.50
CA LEU D 317 -4.28 -2.46 15.77
C LEU D 317 -5.69 -2.48 16.33
N ARG D 318 -6.67 -1.95 15.61
CA ARG D 318 -8.03 -2.04 16.11
C ARG D 318 -8.42 -3.50 16.22
N GLY D 319 -9.07 -3.85 17.33
CA GLY D 319 -9.36 -5.22 17.68
C GLY D 319 -8.33 -5.91 18.55
N LYS D 320 -7.12 -5.38 18.65
CA LYS D 320 -6.09 -5.96 19.49
C LYS D 320 -5.86 -5.03 20.68
N LYS D 321 -5.94 -5.60 21.89
CA LYS D 321 -5.79 -4.80 23.12
C LYS D 321 -4.31 -4.63 23.43
N ILE D 322 -3.75 -3.47 23.09
CA ILE D 322 -2.34 -3.21 23.36
C ILE D 322 -2.12 -2.89 24.84
N VAL D 323 -1.08 -3.49 25.43
CA VAL D 323 -0.81 -3.34 26.85
C VAL D 323 0.51 -2.65 27.13
N HIS D 324 1.39 -2.53 26.15
CA HIS D 324 2.62 -1.78 26.33
C HIS D 324 3.10 -1.30 24.96
N VAL D 325 3.77 -0.15 24.95
CA VAL D 325 4.27 0.45 23.72
C VAL D 325 5.68 1.01 23.95
N ALA D 326 6.36 1.28 22.84
CA ALA D 326 7.67 1.90 22.86
C ALA D 326 7.89 2.56 21.51
N VAL D 327 8.63 3.67 21.51
CA VAL D 327 8.93 4.41 20.29
C VAL D 327 10.44 4.59 20.16
N GLY D 328 10.94 4.51 18.94
CA GLY D 328 12.28 4.95 18.61
C GLY D 328 12.27 6.26 17.86
N ALA D 329 13.36 6.53 17.14
CA ALA D 329 13.40 7.70 16.28
C ALA D 329 12.28 7.63 15.24
N LEU D 330 12.20 6.51 14.51
CA LEU D 330 11.29 6.37 13.38
C LEU D 330 10.50 5.08 13.43
N HIS D 331 10.43 4.41 14.58
CA HIS D 331 9.72 3.15 14.63
C HIS D 331 9.06 2.97 15.99
N CYS D 332 8.02 2.14 16.02
CA CYS D 332 7.26 1.82 17.23
C CYS D 332 7.09 0.32 17.39
N LEU D 333 7.01 -0.11 18.64
CA LEU D 333 6.62 -1.47 18.98
C LEU D 333 5.38 -1.42 19.87
N ALA D 334 4.49 -2.39 19.68
CA ALA D 334 3.28 -2.53 20.47
C ALA D 334 3.09 -4.01 20.77
N VAL D 335 2.82 -4.33 22.04
CA VAL D 335 2.59 -5.68 22.54
C VAL D 335 1.13 -5.84 22.90
N THR D 336 0.54 -6.97 22.53
CA THR D 336 -0.85 -7.23 22.86
C THR D 336 -0.97 -7.92 24.22
N ASP D 337 -2.19 -7.94 24.76
CA ASP D 337 -2.40 -8.67 26.00
C ASP D 337 -2.04 -10.15 25.86
N SER D 338 -2.04 -10.70 24.65
CA SER D 338 -1.68 -12.11 24.44
C SER D 338 -0.21 -12.30 24.11
N GLY D 339 0.57 -11.22 24.04
CA GLY D 339 2.01 -11.30 23.94
C GLY D 339 2.59 -11.10 22.55
N GLN D 340 1.79 -10.81 21.54
CA GLN D 340 2.32 -10.59 20.20
C GLN D 340 2.87 -9.18 20.06
N VAL D 341 3.97 -9.04 19.33
CA VAL D 341 4.67 -7.77 19.17
C VAL D 341 4.46 -7.30 17.73
N TYR D 342 3.92 -6.09 17.58
CA TYR D 342 3.76 -5.44 16.29
C TYR D 342 4.79 -4.32 16.16
N ALA D 343 5.22 -4.05 14.93
CA ALA D 343 6.15 -2.96 14.67
C ALA D 343 5.62 -2.16 13.50
N TRP D 344 6.09 -0.91 13.38
CA TRP D 344 5.85 -0.12 12.17
C TRP D 344 6.86 1.01 12.12
N GLY D 345 7.07 1.52 10.92
CA GLY D 345 8.03 2.59 10.71
C GLY D 345 9.18 2.17 9.82
N ASP D 346 10.30 2.85 10.02
CA ASP D 346 11.44 2.74 9.13
C ASP D 346 12.25 1.49 9.44
N ASN D 347 12.87 0.92 8.39
CA ASN D 347 13.54 -0.36 8.57
C ASN D 347 14.94 -0.38 7.95
N ASP D 348 15.57 0.77 7.79
CA ASP D 348 16.92 0.81 7.22
C ASP D 348 17.89 -0.10 7.94
N HIS D 349 17.63 -0.37 9.22
CA HIS D 349 18.56 -1.11 10.07
C HIS D 349 17.95 -2.38 10.65
N GLY D 350 16.83 -2.84 10.12
CA GLY D 350 16.20 -4.05 10.61
C GLY D 350 15.31 -3.86 11.82
N GLN D 351 15.16 -2.64 12.31
CA GLN D 351 14.48 -2.46 13.59
C GLN D 351 13.01 -2.87 13.55
N GLN D 352 12.42 -3.03 12.36
CA GLN D 352 11.07 -3.57 12.29
C GLN D 352 11.00 -5.04 12.73
N GLY D 353 12.11 -5.77 12.67
CA GLY D 353 12.10 -7.17 13.00
C GLY D 353 11.28 -8.03 12.06
N ASN D 354 11.31 -7.74 10.76
CA ASN D 354 10.52 -8.49 9.77
C ASN D 354 11.39 -9.29 8.81
N GLY D 355 12.64 -9.57 9.17
CA GLY D 355 13.52 -10.37 8.34
C GLY D 355 14.08 -9.67 7.11
N THR D 356 13.79 -8.38 6.91
CA THR D 356 14.15 -7.64 5.72
C THR D 356 14.54 -6.23 6.16
N THR D 357 14.80 -5.34 5.19
CA THR D 357 14.92 -3.92 5.50
C THR D 357 13.82 -3.13 4.83
N THR D 358 12.67 -3.76 4.62
CA THR D 358 11.52 -3.08 4.06
C THR D 358 10.78 -2.32 5.15
N VAL D 359 10.42 -1.06 4.85
CA VAL D 359 9.55 -0.27 5.72
C VAL D 359 8.30 -1.07 6.06
N ASN D 360 7.83 -0.95 7.30
CA ASN D 360 6.49 -1.39 7.70
C ASN D 360 5.59 -0.15 7.68
N ARG D 361 4.71 -0.06 6.67
CA ARG D 361 3.80 1.08 6.58
C ARG D 361 2.68 1.01 7.62
N LYS D 362 2.29 -0.18 8.02
CA LYS D 362 1.26 -0.42 9.02
C LYS D 362 1.80 -1.38 10.07
N PRO D 363 1.20 -1.40 11.27
CA PRO D 363 1.63 -2.38 12.28
C PRO D 363 1.77 -3.76 11.68
N THR D 364 2.99 -4.31 11.74
CA THR D 364 3.27 -5.64 11.24
C THR D 364 3.80 -6.50 12.39
N LEU D 365 3.38 -7.76 12.40
CA LEU D 365 3.87 -8.72 13.38
C LEU D 365 5.37 -8.95 13.19
N VAL D 366 6.12 -8.96 14.28
CA VAL D 366 7.54 -9.31 14.24
C VAL D 366 7.66 -10.83 14.23
N GLN D 367 8.67 -11.35 13.54
CA GLN D 367 8.77 -12.81 13.41
C GLN D 367 9.65 -13.41 14.51
N GLY D 368 9.27 -14.59 14.97
CA GLY D 368 10.11 -15.41 15.82
C GLY D 368 9.67 -15.53 17.26
N LEU D 369 8.63 -14.80 17.69
CA LEU D 369 8.35 -14.66 19.10
C LEU D 369 7.10 -15.39 19.57
N GLU D 370 6.39 -16.10 18.69
CA GLU D 370 5.20 -16.81 19.15
C GLU D 370 5.59 -17.80 20.24
N GLY D 371 4.84 -17.80 21.34
CA GLY D 371 5.16 -18.62 22.50
C GLY D 371 5.98 -17.91 23.57
N GLN D 372 6.55 -16.74 23.25
CA GLN D 372 7.13 -15.88 24.27
C GLN D 372 6.06 -14.89 24.67
N LYS D 373 5.56 -15.00 25.90
CA LYS D 373 4.61 -14.00 26.30
C LYS D 373 5.36 -12.70 26.56
N ILE D 374 5.78 -12.01 25.50
CA ILE D 374 6.38 -10.69 25.67
C ILE D 374 5.45 -9.81 26.50
N THR D 375 5.98 -9.20 27.55
CA THR D 375 5.21 -8.25 28.33
C THR D 375 5.65 -6.79 28.20
N ARG D 376 6.76 -6.51 27.53
CA ARG D 376 7.31 -5.16 27.51
C ARG D 376 8.15 -5.01 26.25
N VAL D 377 8.15 -3.79 25.70
CA VAL D 377 8.98 -3.48 24.54
C VAL D 377 9.77 -2.21 24.84
N ALA D 378 10.79 -1.98 24.04
CA ALA D 378 11.59 -0.78 24.24
C ALA D 378 12.42 -0.53 23.00
N CYS D 379 12.75 0.73 22.77
CA CYS D 379 13.41 1.12 21.55
C CYS D 379 14.54 2.07 21.86
N GLY D 380 15.62 1.95 21.09
CA GLY D 380 16.60 3.00 20.94
C GLY D 380 16.41 3.71 19.60
N SER D 381 17.37 4.58 19.29
CA SER D 381 17.31 5.34 18.04
C SER D 381 16.96 4.43 16.85
N SER D 382 17.67 3.30 16.71
CA SER D 382 17.49 2.40 15.57
C SER D 382 17.49 0.94 15.99
N HIS D 383 17.12 0.65 17.24
CA HIS D 383 17.15 -0.73 17.72
C HIS D 383 15.93 -0.99 18.60
N SER D 384 15.65 -2.28 18.81
CA SER D 384 14.39 -2.74 19.37
C SER D 384 14.63 -3.84 20.39
N VAL D 385 13.75 -3.90 21.40
CA VAL D 385 13.94 -4.81 22.52
C VAL D 385 12.58 -5.32 22.98
N ALA D 386 12.53 -6.61 23.31
CA ALA D 386 11.31 -7.23 23.84
C ALA D 386 11.70 -8.19 24.94
N TRP D 387 10.90 -8.25 26.02
CA TRP D 387 11.27 -9.14 27.11
C TRP D 387 10.04 -9.61 27.89
N THR D 388 10.16 -10.79 28.50
CA THR D 388 9.08 -11.47 29.19
C THR D 388 9.37 -11.59 30.69
N THR D 389 8.30 -11.65 31.47
CA THR D 389 8.30 -12.06 32.87
C THR D 389 9.59 -11.71 33.62
N ASP E 1 16.53 10.37 6.66
CA ASP E 1 15.98 11.49 7.44
C ASP E 1 17.09 12.22 8.21
N GLU E 2 16.68 13.27 8.94
CA GLU E 2 17.55 13.91 9.90
C GLU E 2 17.82 13.03 11.11
N ASP E 3 16.96 12.03 11.37
CA ASP E 3 17.03 11.22 12.58
C ASP E 3 17.39 9.76 12.30
N LYS E 4 18.05 9.48 11.17
CA LYS E 4 18.55 8.13 10.85
C LYS E 4 20.02 8.00 11.25
N ASP E 5 20.34 6.98 12.03
CA ASP E 5 21.73 6.68 12.35
C ASP E 5 22.41 6.13 11.11
N LYS E 6 23.58 5.51 11.28
CA LYS E 6 24.16 4.71 10.22
C LYS E 6 25.17 3.70 10.77
N ASP F 1 -6.44 -13.33 -3.27
CA ASP F 1 -5.25 -13.23 -4.16
C ASP F 1 -5.63 -13.65 -5.58
N GLU F 2 -4.96 -13.06 -6.57
CA GLU F 2 -5.37 -13.35 -7.96
C GLU F 2 -4.63 -14.62 -8.39
N ASP F 3 -3.65 -15.05 -7.60
CA ASP F 3 -2.84 -16.19 -8.01
C ASP F 3 -3.07 -17.43 -7.14
N LYS F 4 -4.06 -17.40 -6.25
CA LYS F 4 -4.41 -18.54 -5.41
C LYS F 4 -5.44 -19.40 -6.14
N ASP F 5 -5.00 -20.58 -6.60
CA ASP F 5 -5.91 -21.54 -7.19
C ASP F 5 -7.04 -21.86 -6.23
N LYS F 6 -8.13 -22.38 -6.79
CA LYS F 6 -9.23 -22.89 -6.01
C LYS F 6 -9.33 -24.40 -6.20
N ASP F 7 -9.82 -25.08 -5.16
CA ASP F 7 -9.97 -26.53 -5.17
C ASP F 7 -11.37 -26.86 -5.66
N GLU F 8 -11.50 -27.13 -6.97
CA GLU F 8 -12.79 -27.39 -7.60
C GLU F 8 -13.33 -28.80 -7.34
N THR F 9 -12.67 -29.59 -6.51
CA THR F 9 -13.12 -30.95 -6.21
C THR F 9 -14.34 -30.95 -5.30
C1 CIT G . -12.23 15.80 18.93
O1 CIT G . -12.67 14.96 18.10
O2 CIT G . -12.80 15.89 20.03
C2 CIT G . -11.02 16.65 18.61
C3 CIT G . -11.37 18.10 18.32
O7 CIT G . -12.40 18.49 19.25
C4 CIT G . -10.15 19.02 18.45
C5 CIT G . -10.43 20.21 19.35
O3 CIT G . -10.42 20.11 20.59
O4 CIT G . -10.68 21.34 18.86
C6 CIT G . -11.90 18.21 16.88
O5 CIT G . -11.12 18.33 15.92
O6 CIT G . -13.13 18.17 16.64
H21 CIT G . -10.50 16.23 17.76
H22 CIT G . -10.33 16.62 19.46
HO7 CIT G . -13.21 18.74 18.75
H41 CIT G . -9.86 19.37 17.46
H42 CIT G . -9.32 18.46 18.87
#